data_7N1B
#
_entry.id   7N1B
#
_cell.length_a   47.204
_cell.length_b   49.259
_cell.length_c   117.094
_cell.angle_alpha   91.890
_cell.angle_beta   92.390
_cell.angle_gamma   118.590
#
_symmetry.space_group_name_H-M   'P 1'
#
loop_
_entity.id
_entity.type
_entity.pdbx_description
1 polymer 'MHC class I antigen, A-2 alpha chain'
2 polymer Beta-2-microglobulin
3 polymer 'Spike protein S2'
#
loop_
_entity_poly.entity_id
_entity_poly.type
_entity_poly.pdbx_seq_one_letter_code
_entity_poly.pdbx_strand_id
1 'polypeptide(L)'
;GSHSMRYFFTSVSRPGRGEPRFIAVGYVDDTQFVRFDSDAASQRMEPRAPWIEQEGPEYWDGETRKVKAHSQTHRVDLGT
LRGYYNQSEAGSHTVQRMYGCDVGSDWRFLRGYHQYAYDGKDYIALKEDLRSWTAADMAAQTTKHKWEAAHVAEQLRAYL
EGTCVEWLRRYLENGKETLQRTDAPKTHMTHHAVSDHEATLRCWALSFYPAEITLTWQRDGEDQTQDTELVETRPAGDGT
FQKWAAVVVPSGQEQRYTCHVQHEGLPKPLTLRWE
;
A,D
2 'polypeptide(L)'
;MIQRTPKIQVYSRHPAENGKSNFLNCYVSGFHPSDIEVDLLKNGERIEKVEHSDLSFSKDWSFYLLYYTEFTPTEKDEYA
CRVNHVTLSQPKIVKWDRDM
;
B,E
3 'polypeptide(L)' RLQSLQTYV C,F
#
# COMPACT_ATOMS: atom_id res chain seq x y z
N GLY A 1 -24.05 -1.27 -32.42
CA GLY A 1 -23.45 -2.43 -31.80
C GLY A 1 -23.00 -2.19 -30.37
N SER A 2 -22.08 -3.01 -29.89
CA SER A 2 -21.60 -2.92 -28.53
C SER A 2 -20.36 -2.02 -28.46
N HIS A 3 -20.04 -1.58 -27.24
CA HIS A 3 -18.91 -0.70 -27.01
C HIS A 3 -18.27 -1.04 -25.67
N SER A 4 -17.03 -0.59 -25.50
CA SER A 4 -16.25 -0.91 -24.31
C SER A 4 -15.27 0.21 -24.03
N MET A 5 -15.03 0.46 -22.74
CA MET A 5 -13.93 1.30 -22.29
C MET A 5 -13.04 0.45 -21.38
N ARG A 6 -11.76 0.37 -21.72
CA ARG A 6 -10.82 -0.44 -20.96
C ARG A 6 -9.54 0.33 -20.68
N TYR A 7 -8.95 0.06 -19.51
CA TYR A 7 -7.68 0.63 -19.11
C TYR A 7 -6.68 -0.50 -18.85
N PHE A 8 -5.42 -0.26 -19.20
CA PHE A 8 -4.37 -1.24 -19.07
C PHE A 8 -3.21 -0.65 -18.28
N PHE A 9 -2.76 -1.37 -17.25
CA PHE A 9 -1.63 -0.96 -16.44
C PHE A 9 -0.50 -1.98 -16.59
N THR A 10 0.72 -1.49 -16.74
CA THR A 10 1.90 -2.34 -16.79
C THR A 10 3.01 -1.71 -15.95
N SER A 11 3.74 -2.54 -15.21
CA SER A 11 4.90 -2.08 -14.45
C SER A 11 5.96 -3.16 -14.47
N VAL A 12 7.15 -2.82 -14.98
CA VAL A 12 8.26 -3.75 -15.10
C VAL A 12 9.35 -3.32 -14.13
N SER A 13 9.73 -4.22 -13.23
CA SER A 13 10.82 -3.94 -12.31
C SER A 13 12.16 -4.11 -13.02
N ARG A 14 13.12 -3.27 -12.67
CA ARG A 14 14.46 -3.31 -13.24
C ARG A 14 15.47 -3.22 -12.11
N PRO A 15 15.79 -4.36 -11.48
CA PRO A 15 16.80 -4.35 -10.40
C PRO A 15 18.15 -3.85 -10.92
N GLY A 16 18.68 -2.83 -10.24
CA GLY A 16 19.95 -2.25 -10.61
C GLY A 16 19.88 -1.08 -11.58
N ARG A 17 18.68 -0.74 -12.07
CA ARG A 17 18.54 0.32 -13.07
C ARG A 17 17.46 1.32 -12.69
N GLY A 18 17.20 1.46 -11.40
CA GLY A 18 16.28 2.49 -10.93
C GLY A 18 14.91 1.95 -10.57
N GLU A 19 13.94 2.86 -10.53
CA GLU A 19 12.58 2.52 -10.18
C GLU A 19 11.94 1.70 -11.31
N PRO A 20 10.88 0.96 -11.01
CA PRO A 20 10.16 0.23 -12.06
C PRO A 20 9.48 1.18 -13.03
N ARG A 21 9.33 0.73 -14.27
CA ARG A 21 8.70 1.52 -15.31
C ARG A 21 7.22 1.23 -15.40
N PHE A 22 6.41 2.29 -15.37
CA PHE A 22 4.96 2.19 -15.38
C PHE A 22 4.42 2.74 -16.70
N ILE A 23 3.61 1.94 -17.39
CA ILE A 23 2.96 2.34 -18.63
C ILE A 23 1.47 2.06 -18.52
N ALA A 24 0.65 3.06 -18.85
CA ALA A 24 -0.80 2.96 -18.77
C ALA A 24 -1.43 3.48 -20.06
N VAL A 25 -2.45 2.78 -20.54
CA VAL A 25 -3.15 3.16 -21.76
C VAL A 25 -4.64 2.92 -21.56
N GLY A 26 -5.45 3.75 -22.22
CA GLY A 26 -6.90 3.65 -22.16
C GLY A 26 -7.48 3.49 -23.56
N TYR A 27 -8.48 2.63 -23.68
CA TYR A 27 -9.08 2.31 -24.97
C TYR A 27 -10.58 2.54 -24.95
N VAL A 28 -11.11 2.99 -26.08
CA VAL A 28 -12.55 3.00 -26.34
C VAL A 28 -12.77 2.16 -27.59
N ASP A 29 -13.36 0.98 -27.40
CA ASP A 29 -13.40 -0.07 -28.43
C ASP A 29 -11.96 -0.35 -28.85
N ASP A 30 -11.63 -0.31 -30.14
CA ASP A 30 -10.26 -0.49 -30.60
C ASP A 30 -9.56 0.83 -30.90
N THR A 31 -9.92 1.89 -30.16
CA THR A 31 -9.34 3.22 -30.35
C THR A 31 -8.73 3.68 -29.03
N GLN A 32 -7.41 3.85 -29.03
CA GLN A 32 -6.70 4.34 -27.85
C GLN A 32 -6.85 5.86 -27.75
N PHE A 33 -7.09 6.36 -26.53
CA PHE A 33 -7.33 7.79 -26.36
C PHE A 33 -6.44 8.47 -25.31
N VAL A 34 -5.76 7.75 -24.44
CA VAL A 34 -4.81 8.35 -23.49
C VAL A 34 -3.64 7.40 -23.28
N ARG A 35 -2.58 7.93 -22.69
CA ARG A 35 -1.39 7.16 -22.37
C ARG A 35 -0.61 7.88 -21.29
N PHE A 36 0.14 7.12 -20.50
CA PHE A 36 1.10 7.68 -19.55
C PHE A 36 2.33 6.79 -19.51
N ASP A 37 3.49 7.41 -19.63
CA ASP A 37 4.77 6.71 -19.49
C ASP A 37 5.55 7.38 -18.37
N SER A 38 5.83 6.62 -17.31
CA SER A 38 6.59 7.14 -16.18
C SER A 38 8.03 7.46 -16.53
N ASP A 39 8.54 6.99 -17.67
CA ASP A 39 9.90 7.26 -18.10
C ASP A 39 10.01 8.44 -19.05
N ALA A 40 8.88 9.02 -19.45
CA ALA A 40 8.89 10.15 -20.37
C ALA A 40 9.16 11.45 -19.61
N ALA A 41 9.46 12.50 -20.38
CA ALA A 41 9.69 13.82 -19.80
C ALA A 41 8.38 14.51 -19.44
N SER A 42 7.29 14.16 -20.13
CA SER A 42 5.99 14.76 -19.88
C SER A 42 5.62 14.70 -18.40
N GLN A 43 5.72 13.51 -17.80
CA GLN A 43 5.24 13.27 -16.43
C GLN A 43 3.78 13.65 -16.30
N ARG A 44 3.00 13.39 -17.35
CA ARG A 44 1.61 13.80 -17.42
C ARG A 44 0.84 12.81 -18.29
N MET A 45 -0.45 12.67 -17.98
CA MET A 45 -1.34 11.93 -18.88
C MET A 45 -1.49 12.71 -20.18
N GLU A 46 -1.51 11.98 -21.29
CA GLU A 46 -1.45 12.62 -22.60
C GLU A 46 -2.59 12.15 -23.50
N PRO A 47 -3.13 13.04 -24.32
CA PRO A 47 -4.14 12.62 -25.29
C PRO A 47 -3.53 11.83 -26.42
N ARG A 48 -4.29 10.83 -26.91
CA ARG A 48 -3.86 10.01 -28.03
C ARG A 48 -4.97 9.85 -29.07
N ALA A 49 -6.06 10.59 -28.94
CA ALA A 49 -7.14 10.63 -29.91
C ALA A 49 -7.68 12.05 -29.98
N PRO A 50 -8.23 12.47 -31.12
CA PRO A 50 -8.65 13.88 -31.25
C PRO A 50 -9.82 14.25 -30.34
N TRP A 51 -10.78 13.34 -30.15
CA TRP A 51 -12.00 13.69 -29.44
C TRP A 51 -11.79 13.86 -27.94
N ILE A 52 -10.69 13.34 -27.38
CA ILE A 52 -10.43 13.51 -25.96
C ILE A 52 -9.78 14.87 -25.66
N GLU A 53 -9.27 15.56 -26.68
CA GLU A 53 -8.53 16.79 -26.45
C GLU A 53 -9.43 17.90 -25.88
N GLN A 54 -10.73 17.86 -26.18
CA GLN A 54 -11.62 18.92 -25.74
C GLN A 54 -11.85 18.93 -24.24
N GLU A 55 -11.49 17.87 -23.52
CA GLU A 55 -11.60 17.88 -22.07
C GLU A 55 -10.69 18.95 -21.47
N GLY A 56 -11.20 19.63 -20.45
CA GLY A 56 -10.54 20.80 -19.93
C GLY A 56 -9.38 20.46 -19.02
N PRO A 57 -8.74 21.51 -18.51
CA PRO A 57 -7.55 21.29 -17.66
C PRO A 57 -7.84 20.52 -16.39
N GLU A 58 -9.03 20.65 -15.81
CA GLU A 58 -9.36 19.88 -14.61
C GLU A 58 -9.34 18.39 -14.89
N TYR A 59 -9.70 17.98 -16.10
CA TYR A 59 -9.65 16.57 -16.48
C TYR A 59 -8.21 16.05 -16.49
N TRP A 60 -7.32 16.78 -17.16
CA TRP A 60 -5.95 16.29 -17.37
C TRP A 60 -5.13 16.32 -16.09
N ASP A 61 -5.38 17.29 -15.21
CA ASP A 61 -4.70 17.31 -13.92
C ASP A 61 -5.15 16.14 -13.05
N GLY A 62 -6.44 15.80 -13.09
CA GLY A 62 -6.94 14.72 -12.27
C GLY A 62 -6.47 13.35 -12.75
N GLU A 63 -6.41 13.16 -14.08
CA GLU A 63 -5.95 11.89 -14.60
C GLU A 63 -4.45 11.70 -14.37
N THR A 64 -3.68 12.80 -14.40
CA THR A 64 -2.26 12.71 -14.10
C THR A 64 -1.99 12.33 -12.65
N ARG A 65 -2.70 12.92 -11.69
CA ARG A 65 -2.44 12.62 -10.29
C ARG A 65 -2.74 11.16 -9.95
N LYS A 66 -3.85 10.63 -10.47
CA LYS A 66 -4.22 9.26 -10.14
C LYS A 66 -3.30 8.26 -10.84
N VAL A 67 -2.97 8.49 -12.11
CA VAL A 67 -2.06 7.58 -12.80
C VAL A 67 -0.68 7.64 -12.16
N LYS A 68 -0.34 8.77 -11.55
CA LYS A 68 0.87 8.87 -10.75
C LYS A 68 0.73 8.06 -9.46
N ALA A 69 -0.46 8.08 -8.86
CA ALA A 69 -0.69 7.33 -7.63
C ALA A 69 -0.73 5.83 -7.90
N HIS A 70 -1.37 5.44 -9.00
CA HIS A 70 -1.41 4.01 -9.35
C HIS A 70 -0.03 3.52 -9.74
N SER A 71 0.76 4.38 -10.39
CA SER A 71 2.19 4.12 -10.62
C SER A 71 2.89 3.60 -9.36
N GLN A 72 2.79 4.36 -8.27
CA GLN A 72 3.55 4.02 -7.06
C GLN A 72 3.00 2.78 -6.36
N THR A 73 1.66 2.60 -6.37
CA THR A 73 1.10 1.41 -5.75
C THR A 73 1.60 0.15 -6.44
N HIS A 74 1.64 0.15 -7.78
CA HIS A 74 2.15 -1.01 -8.50
C HIS A 74 3.65 -1.16 -8.33
N ARG A 75 4.34 -0.09 -7.90
CA ARG A 75 5.74 -0.24 -7.49
C ARG A 75 5.83 -1.07 -6.21
N VAL A 76 5.02 -0.72 -5.21
CA VAL A 76 4.99 -1.48 -3.96
C VAL A 76 4.58 -2.92 -4.22
N ASP A 77 3.64 -3.12 -5.15
CA ASP A 77 3.14 -4.47 -5.42
C ASP A 77 4.25 -5.42 -5.84
N LEU A 78 5.21 -4.93 -6.62
CA LEU A 78 6.31 -5.78 -7.07
C LEU A 78 7.14 -6.28 -5.88
N GLY A 79 7.28 -5.44 -4.84
CA GLY A 79 7.93 -5.92 -3.62
C GLY A 79 7.07 -6.89 -2.85
N THR A 80 5.76 -6.60 -2.75
CA THR A 80 4.86 -7.49 -2.02
C THR A 80 4.79 -8.86 -2.66
N LEU A 81 4.67 -8.91 -4.00
CA LEU A 81 4.61 -10.19 -4.68
C LEU A 81 5.94 -10.92 -4.62
N ARG A 82 7.05 -10.18 -4.61
CA ARG A 82 8.35 -10.80 -4.43
C ARG A 82 8.44 -11.50 -3.08
N GLY A 83 7.84 -10.90 -2.05
CA GLY A 83 7.81 -11.55 -0.74
C GLY A 83 6.87 -12.74 -0.70
N TYR A 84 5.70 -12.60 -1.34
CA TYR A 84 4.72 -13.69 -1.35
C TYR A 84 5.30 -14.98 -1.92
N TYR A 85 6.24 -14.88 -2.85
CA TYR A 85 6.80 -16.04 -3.53
C TYR A 85 8.25 -16.30 -3.14
N ASN A 86 8.78 -15.57 -2.17
CA ASN A 86 10.17 -15.72 -1.71
C ASN A 86 11.15 -15.70 -2.89
N GLN A 87 10.98 -14.71 -3.76
CA GLN A 87 11.87 -14.53 -4.89
C GLN A 87 12.99 -13.56 -4.54
N SER A 88 14.10 -13.69 -5.24
CA SER A 88 15.26 -12.85 -4.98
C SER A 88 15.15 -11.52 -5.72
N GLU A 89 15.86 -10.52 -5.21
CA GLU A 89 15.81 -9.17 -5.75
C GLU A 89 16.49 -9.04 -7.10
N ALA A 90 17.13 -10.10 -7.62
CA ALA A 90 17.96 -9.96 -8.81
C ALA A 90 17.16 -9.98 -10.11
N GLY A 91 16.03 -10.70 -10.14
CA GLY A 91 15.30 -10.88 -11.37
C GLY A 91 14.27 -9.80 -11.64
N SER A 92 13.94 -9.65 -12.93
CA SER A 92 12.93 -8.70 -13.38
C SER A 92 11.57 -9.38 -13.44
N HIS A 93 10.54 -8.68 -12.97
CA HIS A 93 9.20 -9.24 -12.92
C HIS A 93 8.19 -8.25 -13.50
N THR A 94 7.05 -8.80 -13.93
CA THR A 94 6.02 -8.05 -14.61
C THR A 94 4.75 -8.09 -13.78
N VAL A 95 4.05 -6.95 -13.72
CA VAL A 95 2.74 -6.86 -13.09
C VAL A 95 1.81 -6.09 -14.02
N GLN A 96 0.61 -6.62 -14.23
CA GLN A 96 -0.35 -6.08 -15.19
C GLN A 96 -1.73 -5.97 -14.56
N ARG A 97 -2.44 -4.89 -14.86
CA ARG A 97 -3.80 -4.69 -14.41
C ARG A 97 -4.68 -4.22 -15.57
N MET A 98 -5.88 -4.78 -15.65
CA MET A 98 -6.85 -4.38 -16.66
C MET A 98 -8.23 -4.30 -16.02
N TYR A 99 -8.98 -3.25 -16.35
CA TYR A 99 -10.36 -3.14 -15.91
C TYR A 99 -11.14 -2.30 -16.91
N GLY A 100 -12.45 -2.45 -16.88
CA GLY A 100 -13.31 -1.67 -17.76
C GLY A 100 -14.74 -2.17 -17.71
N CYS A 101 -15.59 -1.49 -18.48
CA CYS A 101 -17.01 -1.80 -18.56
C CYS A 101 -17.41 -2.02 -20.00
N ASP A 102 -18.46 -2.82 -20.19
CA ASP A 102 -19.06 -3.07 -21.50
C ASP A 102 -20.52 -2.62 -21.50
N VAL A 103 -20.95 -2.03 -22.62
CA VAL A 103 -22.33 -1.61 -22.80
C VAL A 103 -22.86 -2.15 -24.13
N GLY A 104 -24.17 -2.40 -24.17
CA GLY A 104 -24.83 -2.94 -25.34
C GLY A 104 -25.20 -1.86 -26.35
N SER A 105 -26.07 -2.26 -27.27
CA SER A 105 -26.50 -1.35 -28.35
C SER A 105 -27.27 -0.16 -27.80
N ASP A 106 -27.98 -0.33 -26.70
CA ASP A 106 -28.67 0.78 -26.05
C ASP A 106 -27.78 1.54 -25.08
N TRP A 107 -26.50 1.21 -25.01
CA TRP A 107 -25.51 1.89 -24.17
C TRP A 107 -25.82 1.75 -22.68
N ARG A 108 -26.55 0.72 -22.29
CA ARG A 108 -26.81 0.44 -20.89
C ARG A 108 -25.83 -0.62 -20.40
N PHE A 109 -25.53 -0.59 -19.10
CA PHE A 109 -24.50 -1.45 -18.54
C PHE A 109 -24.76 -2.92 -18.87
N LEU A 110 -23.73 -3.58 -19.37
CA LEU A 110 -23.78 -4.98 -19.78
C LEU A 110 -22.82 -5.87 -19.03
N ARG A 111 -21.60 -5.41 -18.77
CA ARG A 111 -20.57 -6.27 -18.21
C ARG A 111 -19.48 -5.43 -17.57
N GLY A 112 -18.93 -5.92 -16.46
CA GLY A 112 -17.79 -5.29 -15.83
C GLY A 112 -16.70 -6.31 -15.57
N TYR A 113 -15.48 -5.80 -15.43
CA TYR A 113 -14.33 -6.69 -15.22
C TYR A 113 -13.20 -5.90 -14.57
N HIS A 114 -12.41 -6.61 -13.76
CA HIS A 114 -11.26 -6.04 -13.08
C HIS A 114 -10.30 -7.17 -12.79
N GLN A 115 -9.16 -7.20 -13.47
CA GLN A 115 -8.25 -8.33 -13.42
C GLN A 115 -6.84 -7.88 -13.08
N TYR A 116 -6.01 -8.85 -12.68
CA TYR A 116 -4.66 -8.59 -12.21
C TYR A 116 -3.79 -9.79 -12.55
N ALA A 117 -2.58 -9.51 -13.05
CA ALA A 117 -1.66 -10.57 -13.44
C ALA A 117 -0.26 -10.30 -12.91
N TYR A 118 0.47 -11.38 -12.66
CA TYR A 118 1.87 -11.33 -12.23
C TYR A 118 2.70 -12.23 -13.13
N ASP A 119 3.68 -11.66 -13.81
CA ASP A 119 4.56 -12.39 -14.71
C ASP A 119 3.79 -13.12 -15.81
N GLY A 120 2.74 -12.47 -16.32
CA GLY A 120 1.99 -12.99 -17.44
C GLY A 120 0.93 -14.01 -17.11
N LYS A 121 0.84 -14.46 -15.85
CA LYS A 121 -0.13 -15.46 -15.45
C LYS A 121 -1.20 -14.83 -14.57
N ASP A 122 -2.42 -15.36 -14.67
CA ASP A 122 -3.53 -14.89 -13.85
C ASP A 122 -3.19 -14.93 -12.37
N TYR A 123 -3.60 -13.87 -11.66
CA TYR A 123 -3.36 -13.76 -10.22
C TYR A 123 -4.68 -13.58 -9.47
N ILE A 124 -5.34 -12.43 -9.61
CA ILE A 124 -6.65 -12.21 -9.01
C ILE A 124 -7.51 -11.44 -10.01
N ALA A 125 -8.81 -11.71 -9.98
CA ALA A 125 -9.74 -11.06 -10.89
C ALA A 125 -11.12 -10.99 -10.25
N LEU A 126 -11.78 -9.85 -10.44
CA LEU A 126 -13.15 -9.69 -9.97
C LEU A 126 -14.09 -10.61 -10.74
N LYS A 127 -14.96 -11.30 -10.00
CA LYS A 127 -15.95 -12.17 -10.64
C LYS A 127 -17.02 -11.35 -11.35
N GLU A 128 -17.83 -12.04 -12.15
CA GLU A 128 -18.79 -11.36 -13.01
C GLU A 128 -19.83 -10.58 -12.21
N ASP A 129 -20.20 -11.06 -11.02
CA ASP A 129 -21.15 -10.34 -10.20
C ASP A 129 -20.56 -9.10 -9.55
N LEU A 130 -19.25 -8.88 -9.68
CA LEU A 130 -18.56 -7.74 -9.08
C LEU A 130 -18.69 -7.72 -7.56
N ARG A 131 -18.86 -8.89 -6.96
CA ARG A 131 -18.96 -9.03 -5.51
C ARG A 131 -17.99 -10.05 -4.93
N SER A 132 -17.30 -10.83 -5.76
CA SER A 132 -16.46 -11.92 -5.30
C SER A 132 -15.17 -11.93 -6.08
N TRP A 133 -14.22 -12.73 -5.62
CA TRP A 133 -12.87 -12.74 -6.17
C TRP A 133 -12.49 -14.14 -6.63
N THR A 134 -11.77 -14.20 -7.74
CA THR A 134 -11.12 -15.43 -8.20
C THR A 134 -9.62 -15.31 -7.91
N ALA A 135 -9.13 -16.16 -7.02
CA ALA A 135 -7.71 -16.20 -6.70
C ALA A 135 -7.06 -17.41 -7.38
N ALA A 136 -5.86 -17.19 -7.91
CA ALA A 136 -5.18 -18.23 -8.69
C ALA A 136 -4.39 -19.18 -7.81
N ASP A 137 -3.55 -18.65 -6.92
CA ASP A 137 -2.77 -19.49 -6.01
C ASP A 137 -2.99 -19.07 -4.57
N MET A 138 -2.15 -19.55 -3.65
CA MET A 138 -2.31 -19.24 -2.24
C MET A 138 -1.84 -17.84 -1.90
N ALA A 139 -0.98 -17.24 -2.72
CA ALA A 139 -0.59 -15.85 -2.48
C ALA A 139 -1.72 -14.89 -2.83
N ALA A 140 -2.46 -15.18 -3.90
CA ALA A 140 -3.63 -14.38 -4.23
C ALA A 140 -4.75 -14.54 -3.21
N GLN A 141 -4.71 -15.60 -2.41
CA GLN A 141 -5.68 -15.75 -1.33
C GLN A 141 -5.44 -14.69 -0.25
N THR A 142 -4.17 -14.38 0.03
CA THR A 142 -3.85 -13.31 0.96
C THR A 142 -4.39 -11.98 0.45
N THR A 143 -4.16 -11.68 -0.83
CA THR A 143 -4.73 -10.48 -1.45
C THR A 143 -6.25 -10.49 -1.36
N LYS A 144 -6.88 -11.64 -1.64
CA LYS A 144 -8.33 -11.72 -1.62
C LYS A 144 -8.89 -11.33 -0.25
N HIS A 145 -8.38 -11.94 0.81
CA HIS A 145 -8.85 -11.60 2.16
C HIS A 145 -8.46 -10.18 2.53
N LYS A 146 -7.29 -9.70 2.05
CA LYS A 146 -6.90 -8.32 2.27
C LYS A 146 -7.91 -7.36 1.67
N TRP A 147 -8.35 -7.64 0.43
CA TRP A 147 -9.32 -6.78 -0.23
C TRP A 147 -10.73 -6.99 0.28
N GLU A 148 -11.03 -8.14 0.87
CA GLU A 148 -12.35 -8.35 1.47
C GLU A 148 -12.50 -7.53 2.75
N ALA A 149 -11.41 -7.39 3.51
CA ALA A 149 -11.46 -6.56 4.71
C ALA A 149 -11.51 -5.07 4.35
N ALA A 150 -10.97 -4.69 3.20
CA ALA A 150 -10.97 -3.32 2.74
C ALA A 150 -12.18 -2.99 1.86
N HIS A 151 -13.08 -3.95 1.64
CA HIS A 151 -14.30 -3.73 0.86
C HIS A 151 -13.98 -3.22 -0.54
N VAL A 152 -12.96 -3.80 -1.16
CA VAL A 152 -12.47 -3.30 -2.44
C VAL A 152 -13.48 -3.58 -3.56
N ALA A 153 -14.05 -4.78 -3.58
CA ALA A 153 -14.98 -5.14 -4.65
C ALA A 153 -16.18 -4.23 -4.68
N GLU A 154 -16.68 -3.85 -3.50
CA GLU A 154 -17.85 -2.98 -3.42
C GLU A 154 -17.55 -1.60 -4.00
N GLN A 155 -16.33 -1.09 -3.79
CA GLN A 155 -15.96 0.20 -4.33
C GLN A 155 -15.62 0.13 -5.83
N LEU A 156 -15.16 -1.03 -6.30
CA LEU A 156 -14.93 -1.18 -7.74
C LEU A 156 -16.25 -1.29 -8.50
N ARG A 157 -17.22 -2.00 -7.93
CA ARG A 157 -18.51 -2.17 -8.60
C ARG A 157 -19.22 -0.84 -8.78
N ALA A 158 -19.15 0.03 -7.78
CA ALA A 158 -19.80 1.35 -7.88
C ALA A 158 -19.23 2.14 -9.06
N TYR A 159 -17.93 2.01 -9.31
CA TYR A 159 -17.30 2.70 -10.43
C TYR A 159 -17.67 2.03 -11.75
N LEU A 160 -17.52 0.70 -11.82
CA LEU A 160 -17.67 -0.01 -13.09
C LEU A 160 -19.11 0.05 -13.60
N GLU A 161 -20.09 0.13 -12.69
CA GLU A 161 -21.49 0.21 -13.09
C GLU A 161 -21.98 1.65 -13.20
N GLY A 162 -21.25 2.61 -12.67
CA GLY A 162 -21.64 4.00 -12.74
C GLY A 162 -20.72 4.85 -13.58
N THR A 163 -19.65 5.35 -12.95
CA THR A 163 -18.71 6.26 -13.61
C THR A 163 -18.24 5.76 -14.97
N CYS A 164 -18.03 4.45 -15.11
CA CYS A 164 -17.35 3.94 -16.30
C CYS A 164 -18.31 3.85 -17.48
N VAL A 165 -19.57 3.53 -17.22
CA VAL A 165 -20.58 3.55 -18.27
C VAL A 165 -20.89 4.98 -18.70
N GLU A 166 -20.93 5.92 -17.74
CA GLU A 166 -21.34 7.27 -18.08
C GLU A 166 -20.23 8.03 -18.83
N TRP A 167 -18.97 7.82 -18.44
CA TRP A 167 -17.88 8.47 -19.16
C TRP A 167 -17.64 7.79 -20.51
N LEU A 168 -17.98 6.50 -20.62
CA LEU A 168 -17.90 5.84 -21.93
C LEU A 168 -18.97 6.38 -22.86
N ARG A 169 -20.16 6.65 -22.34
CA ARG A 169 -21.21 7.27 -23.14
C ARG A 169 -20.77 8.67 -23.59
N ARG A 170 -20.14 9.43 -22.70
CA ARG A 170 -19.67 10.76 -23.05
C ARG A 170 -18.65 10.71 -24.18
N TYR A 171 -17.69 9.80 -24.09
CA TYR A 171 -16.72 9.65 -25.17
C TYR A 171 -17.39 9.26 -26.47
N LEU A 172 -18.34 8.33 -26.41
CA LEU A 172 -19.00 7.84 -27.63
C LEU A 172 -19.73 8.96 -28.34
N GLU A 173 -20.40 9.83 -27.59
CA GLU A 173 -21.07 10.98 -28.19
C GLU A 173 -20.05 11.99 -28.72
N ASN A 174 -19.13 12.43 -27.85
CA ASN A 174 -18.14 13.43 -28.23
C ASN A 174 -17.28 13.01 -29.42
N GLY A 175 -17.17 11.72 -29.70
CA GLY A 175 -16.39 11.27 -30.84
C GLY A 175 -17.19 10.44 -31.80
N LYS A 176 -18.43 10.87 -32.06
CA LYS A 176 -19.35 10.08 -32.88
C LYS A 176 -18.84 9.89 -34.32
N GLU A 177 -18.16 10.89 -34.88
CA GLU A 177 -17.74 10.80 -36.28
C GLU A 177 -16.59 9.80 -36.43
N THR A 178 -15.92 9.43 -35.33
CA THR A 178 -14.85 8.45 -35.38
C THR A 178 -15.20 7.17 -34.65
N LEU A 179 -15.69 7.26 -33.41
CA LEU A 179 -15.93 6.08 -32.61
C LEU A 179 -17.15 5.30 -33.07
N GLN A 180 -18.08 5.94 -33.79
CA GLN A 180 -19.30 5.28 -34.23
C GLN A 180 -19.32 4.96 -35.71
N ARG A 181 -18.27 5.27 -36.46
CA ARG A 181 -18.21 4.81 -37.84
C ARG A 181 -17.97 3.30 -37.88
N THR A 182 -18.29 2.70 -39.01
CA THR A 182 -18.11 1.26 -39.21
C THR A 182 -17.57 1.06 -40.62
N ASP A 183 -16.25 0.94 -40.74
CA ASP A 183 -15.60 0.78 -42.04
C ASP A 183 -15.81 -0.63 -42.54
N ALA A 184 -16.57 -0.78 -43.62
CA ALA A 184 -16.75 -2.08 -44.23
C ALA A 184 -15.42 -2.55 -44.84
N PRO A 185 -15.06 -3.82 -44.66
CA PRO A 185 -13.79 -4.30 -45.22
C PRO A 185 -13.82 -4.35 -46.74
N LYS A 186 -12.66 -4.11 -47.35
CA LYS A 186 -12.48 -4.30 -48.78
C LYS A 186 -11.77 -5.62 -49.00
N THR A 187 -12.35 -6.46 -49.85
CA THR A 187 -11.96 -7.86 -49.95
C THR A 187 -11.52 -8.17 -51.37
N HIS A 188 -10.39 -8.86 -51.49
CA HIS A 188 -9.87 -9.34 -52.76
C HIS A 188 -9.24 -10.71 -52.50
N MET A 189 -8.71 -11.34 -53.55
CA MET A 189 -8.19 -12.70 -53.41
C MET A 189 -6.91 -12.85 -54.22
N THR A 190 -5.85 -13.30 -53.54
CA THR A 190 -4.56 -13.55 -54.15
C THR A 190 -4.44 -15.03 -54.50
N HIS A 191 -3.58 -15.34 -55.48
CA HIS A 191 -3.32 -16.71 -55.87
C HIS A 191 -1.82 -16.95 -56.06
N HIS A 192 -1.31 -18.00 -55.42
CA HIS A 192 0.13 -18.24 -55.33
C HIS A 192 0.31 -19.75 -55.25
N ALA A 193 0.48 -20.37 -56.43
CA ALA A 193 0.57 -21.81 -56.50
C ALA A 193 1.74 -22.31 -55.66
N VAL A 194 1.49 -23.36 -54.90
CA VAL A 194 2.57 -24.01 -54.17
C VAL A 194 3.23 -25.09 -55.02
N SER A 195 2.48 -26.10 -55.42
CA SER A 195 3.16 -27.32 -55.84
C SER A 195 2.31 -28.10 -56.82
N ASP A 196 2.65 -28.00 -58.11
CA ASP A 196 2.10 -28.79 -59.22
C ASP A 196 0.60 -28.94 -59.20
N HIS A 197 0.10 -29.38 -58.04
CA HIS A 197 -1.25 -29.87 -57.84
C HIS A 197 -1.85 -29.29 -56.57
N GLU A 198 -1.18 -28.32 -55.94
CA GLU A 198 -1.72 -27.64 -54.78
C GLU A 198 -1.33 -26.18 -54.82
N ALA A 199 -2.25 -25.33 -54.36
CA ALA A 199 -2.11 -23.89 -54.54
C ALA A 199 -2.90 -23.19 -53.45
N THR A 200 -2.42 -22.00 -53.08
CA THR A 200 -3.01 -21.25 -51.98
C THR A 200 -4.15 -20.38 -52.47
N LEU A 201 -5.25 -20.41 -51.73
CA LEU A 201 -6.37 -19.49 -51.92
C LEU A 201 -6.36 -18.63 -50.66
N ARG A 202 -5.87 -17.41 -50.80
CA ARG A 202 -5.81 -16.45 -49.70
C ARG A 202 -6.92 -15.43 -49.83
N CYS A 203 -7.77 -15.36 -48.81
CA CYS A 203 -8.90 -14.44 -48.76
C CYS A 203 -8.50 -13.22 -47.94
N TRP A 204 -8.59 -12.04 -48.53
CA TRP A 204 -8.07 -10.82 -47.93
C TRP A 204 -9.22 -9.94 -47.46
N ALA A 205 -9.04 -9.33 -46.28
CA ALA A 205 -9.96 -8.33 -45.76
C ALA A 205 -9.14 -7.14 -45.28
N LEU A 206 -9.35 -5.98 -45.89
CA LEU A 206 -8.56 -4.79 -45.61
C LEU A 206 -9.44 -3.62 -45.23
N SER A 207 -8.86 -2.69 -44.47
CA SER A 207 -9.46 -1.39 -44.18
C SER A 207 -10.85 -1.50 -43.56
N PHE A 208 -10.94 -2.29 -42.48
CA PHE A 208 -12.16 -2.40 -41.70
C PHE A 208 -11.97 -1.87 -40.29
N TYR A 209 -13.06 -1.41 -39.69
CA TYR A 209 -13.15 -1.00 -38.29
C TYR A 209 -14.58 -1.25 -37.87
N PRO A 210 -14.82 -1.80 -36.66
CA PRO A 210 -13.79 -2.20 -35.69
C PRO A 210 -13.03 -3.47 -36.05
N ALA A 211 -12.17 -3.91 -35.13
CA ALA A 211 -11.23 -4.99 -35.42
C ALA A 211 -11.92 -6.36 -35.52
N GLU A 212 -13.12 -6.51 -34.96
CA GLU A 212 -13.75 -7.82 -34.93
C GLU A 212 -14.20 -8.21 -36.33
N ILE A 213 -13.89 -9.45 -36.71
CA ILE A 213 -14.14 -9.94 -38.07
C ILE A 213 -14.05 -11.46 -38.03
N THR A 214 -14.70 -12.11 -39.00
CA THR A 214 -14.72 -13.57 -39.09
C THR A 214 -14.54 -14.00 -40.53
N LEU A 215 -13.45 -14.70 -40.81
CA LEU A 215 -13.15 -15.24 -42.14
C LEU A 215 -13.17 -16.76 -42.09
N THR A 216 -13.88 -17.39 -43.03
CA THR A 216 -14.00 -18.84 -43.07
C THR A 216 -13.95 -19.38 -44.50
N TRP A 217 -13.27 -20.51 -44.67
CA TRP A 217 -13.02 -21.12 -45.96
C TRP A 217 -13.85 -22.40 -46.06
N GLN A 218 -14.69 -22.50 -47.11
CA GLN A 218 -15.59 -23.63 -47.22
C GLN A 218 -15.26 -24.52 -48.40
N ARG A 219 -15.84 -25.73 -48.35
CA ARG A 219 -15.64 -26.78 -49.34
C ARG A 219 -17.02 -27.11 -49.89
N ASP A 220 -17.30 -26.74 -51.15
CA ASP A 220 -18.55 -27.04 -51.86
C ASP A 220 -19.69 -26.17 -51.34
N GLY A 221 -19.41 -25.25 -50.39
CA GLY A 221 -20.39 -24.55 -49.59
C GLY A 221 -20.41 -24.90 -48.12
N GLU A 222 -19.73 -25.97 -47.70
CA GLU A 222 -19.64 -26.37 -46.31
C GLU A 222 -18.20 -26.17 -45.84
N ASP A 223 -18.03 -25.80 -44.58
CA ASP A 223 -16.72 -25.36 -44.16
C ASP A 223 -15.77 -26.55 -43.99
N GLN A 224 -14.49 -26.30 -44.23
CA GLN A 224 -13.40 -27.25 -44.00
C GLN A 224 -12.26 -26.43 -43.42
N THR A 225 -11.98 -26.63 -42.14
CA THR A 225 -10.89 -25.98 -41.45
C THR A 225 -9.69 -26.92 -41.25
N GLN A 226 -9.43 -27.73 -42.27
CA GLN A 226 -8.25 -28.59 -42.29
C GLN A 226 -7.02 -27.84 -42.81
N ASP A 227 -7.09 -27.29 -44.02
CA ASP A 227 -5.96 -26.56 -44.60
C ASP A 227 -6.13 -25.06 -44.50
N THR A 228 -6.75 -24.54 -43.45
CA THR A 228 -6.96 -23.11 -43.29
C THR A 228 -5.87 -22.49 -42.43
N GLU A 229 -5.20 -21.46 -42.97
CA GLU A 229 -4.26 -20.64 -42.22
C GLU A 229 -4.89 -19.30 -41.92
N LEU A 230 -4.67 -18.80 -40.70
CA LEU A 230 -5.40 -17.63 -40.19
C LEU A 230 -4.45 -16.79 -39.35
N VAL A 231 -4.11 -15.59 -39.83
CA VAL A 231 -3.23 -14.70 -39.09
C VAL A 231 -4.05 -13.88 -38.10
N GLU A 232 -3.36 -13.34 -37.10
CA GLU A 232 -3.98 -12.44 -36.14
C GLU A 232 -4.35 -11.13 -36.82
N THR A 233 -5.49 -10.55 -36.42
CA THR A 233 -5.86 -9.22 -36.90
C THR A 233 -4.80 -8.21 -36.51
N ARG A 234 -4.38 -7.41 -37.48
CA ARG A 234 -3.27 -6.49 -37.31
C ARG A 234 -3.69 -5.06 -37.63
N PRO A 235 -3.06 -4.08 -37.00
CA PRO A 235 -3.41 -2.68 -37.29
C PRO A 235 -2.71 -2.18 -38.55
N ALA A 236 -3.46 -1.44 -39.36
CA ALA A 236 -2.88 -0.81 -40.53
C ALA A 236 -2.14 0.48 -40.21
N GLY A 237 -2.38 1.05 -39.02
CA GLY A 237 -1.69 2.25 -38.59
C GLY A 237 -2.49 3.53 -38.76
N ASP A 238 -3.51 3.52 -39.60
CA ASP A 238 -4.35 4.69 -39.84
C ASP A 238 -5.72 4.57 -39.16
N GLY A 239 -5.84 3.71 -38.14
CA GLY A 239 -7.07 3.52 -37.42
C GLY A 239 -7.86 2.28 -37.81
N THR A 240 -7.54 1.66 -38.93
CA THR A 240 -8.24 0.48 -39.41
C THR A 240 -7.37 -0.76 -39.22
N PHE A 241 -7.87 -1.91 -39.69
CA PHE A 241 -7.25 -3.20 -39.42
C PHE A 241 -7.23 -4.05 -40.68
N GLN A 242 -6.45 -5.13 -40.63
CA GLN A 242 -6.27 -6.03 -41.75
C GLN A 242 -6.25 -7.47 -41.23
N LYS A 243 -6.59 -8.40 -42.12
CA LYS A 243 -6.62 -9.83 -41.79
C LYS A 243 -6.79 -10.61 -43.08
N TRP A 244 -6.19 -11.80 -43.13
CA TRP A 244 -6.40 -12.70 -44.26
C TRP A 244 -6.50 -14.14 -43.77
N ALA A 245 -7.04 -14.98 -44.65
CA ALA A 245 -7.17 -16.41 -44.41
C ALA A 245 -6.82 -17.17 -45.67
N ALA A 246 -6.09 -18.26 -45.53
CA ALA A 246 -5.52 -18.98 -46.65
C ALA A 246 -5.86 -20.46 -46.54
N VAL A 247 -5.70 -21.16 -47.66
CA VAL A 247 -6.03 -22.58 -47.74
C VAL A 247 -5.28 -23.13 -48.95
N VAL A 248 -5.08 -24.45 -48.97
CA VAL A 248 -4.50 -25.09 -50.14
C VAL A 248 -5.53 -26.08 -50.66
N VAL A 249 -5.49 -26.29 -51.97
CA VAL A 249 -6.52 -27.03 -52.69
C VAL A 249 -5.87 -27.80 -53.84
N PRO A 250 -6.57 -28.72 -54.49
CA PRO A 250 -6.02 -29.35 -55.69
C PRO A 250 -6.39 -28.55 -56.93
N SER A 251 -5.53 -28.59 -57.93
CA SER A 251 -5.63 -27.58 -58.96
C SER A 251 -6.60 -28.05 -60.04
N GLY A 252 -7.12 -27.08 -60.79
CA GLY A 252 -8.36 -27.23 -61.51
C GLY A 252 -9.60 -27.39 -60.64
N GLN A 253 -9.44 -27.55 -59.32
CA GLN A 253 -10.57 -27.67 -58.42
C GLN A 253 -10.72 -26.45 -57.51
N GLU A 254 -10.23 -25.30 -57.96
CA GLU A 254 -10.16 -24.13 -57.09
C GLU A 254 -11.51 -23.46 -56.85
N GLN A 255 -12.53 -23.79 -57.65
CA GLN A 255 -13.84 -23.17 -57.52
C GLN A 255 -14.89 -24.08 -56.89
N ARG A 256 -14.47 -24.98 -55.99
CA ARG A 256 -15.41 -25.48 -54.99
C ARG A 256 -15.27 -24.75 -53.66
N TYR A 257 -14.25 -23.91 -53.51
CA TYR A 257 -13.93 -23.28 -52.24
C TYR A 257 -14.45 -21.85 -52.25
N THR A 258 -15.18 -21.48 -51.20
CA THR A 258 -15.69 -20.13 -51.01
C THR A 258 -15.18 -19.53 -49.70
N CYS A 259 -15.08 -18.21 -49.68
CA CYS A 259 -14.69 -17.47 -48.48
C CYS A 259 -15.82 -16.53 -48.06
N HIS A 260 -16.05 -16.48 -46.74
CA HIS A 260 -17.20 -15.80 -46.15
C HIS A 260 -16.71 -14.73 -45.19
N VAL A 261 -17.11 -13.49 -45.43
CA VAL A 261 -16.69 -12.36 -44.59
C VAL A 261 -17.85 -11.94 -43.70
N GLN A 262 -17.60 -11.90 -42.40
CA GLN A 262 -18.56 -11.41 -41.42
C GLN A 262 -18.03 -10.14 -40.78
N HIS A 263 -18.75 -9.03 -40.95
CA HIS A 263 -18.37 -7.80 -40.28
C HIS A 263 -19.61 -6.96 -40.04
N GLU A 264 -19.58 -6.21 -38.94
CA GLU A 264 -20.74 -5.38 -38.58
C GLU A 264 -21.04 -4.34 -39.64
N GLY A 265 -20.00 -3.80 -40.31
CA GLY A 265 -20.21 -2.81 -41.34
C GLY A 265 -20.69 -3.38 -42.66
N LEU A 266 -20.84 -4.70 -42.74
CA LEU A 266 -21.39 -5.35 -43.93
C LEU A 266 -22.86 -5.66 -43.70
N PRO A 267 -23.78 -5.07 -44.46
CA PRO A 267 -25.19 -5.50 -44.35
C PRO A 267 -25.36 -6.96 -44.71
N LYS A 268 -24.68 -7.42 -45.75
CA LYS A 268 -24.67 -8.82 -46.15
C LYS A 268 -23.30 -9.42 -45.91
N PRO A 269 -23.22 -10.62 -45.31
CA PRO A 269 -21.94 -11.34 -45.32
C PRO A 269 -21.56 -11.64 -46.77
N LEU A 270 -20.26 -11.51 -47.06
CA LEU A 270 -19.79 -11.58 -48.43
C LEU A 270 -19.30 -12.99 -48.76
N THR A 271 -19.54 -13.41 -49.99
CA THR A 271 -18.98 -14.65 -50.53
C THR A 271 -18.07 -14.30 -51.70
N LEU A 272 -16.95 -15.01 -51.80
CA LEU A 272 -15.95 -14.75 -52.83
C LEU A 272 -15.63 -16.07 -53.52
N ARG A 273 -15.36 -16.00 -54.83
CA ARG A 273 -15.00 -17.18 -55.61
C ARG A 273 -13.98 -16.80 -56.67
N TRP A 274 -13.31 -17.82 -57.19
CA TRP A 274 -12.27 -17.63 -58.20
C TRP A 274 -12.59 -18.45 -59.45
N MET B 1 7.53 -18.71 -14.08
CA MET B 1 7.33 -17.55 -14.94
C MET B 1 7.23 -17.96 -16.40
N ILE B 2 6.13 -17.58 -17.04
CA ILE B 2 5.90 -17.88 -18.45
C ILE B 2 6.64 -16.86 -19.32
N GLN B 3 7.19 -17.34 -20.43
CA GLN B 3 7.88 -16.50 -21.40
C GLN B 3 7.35 -16.86 -22.78
N ARG B 4 7.01 -15.84 -23.57
CA ARG B 4 6.36 -16.05 -24.85
C ARG B 4 7.12 -15.30 -25.95
N THR B 5 7.26 -15.94 -27.10
CA THR B 5 7.98 -15.43 -28.26
C THR B 5 7.07 -14.55 -29.10
N PRO B 6 7.60 -13.43 -29.60
CA PRO B 6 6.76 -12.52 -30.39
C PRO B 6 6.45 -13.06 -31.78
N LYS B 7 5.19 -12.92 -32.18
CA LYS B 7 4.83 -13.12 -33.58
C LYS B 7 5.10 -11.84 -34.36
N ILE B 8 5.56 -11.99 -35.60
CA ILE B 8 6.07 -10.87 -36.37
C ILE B 8 5.38 -10.87 -37.74
N GLN B 9 4.75 -9.75 -38.09
CA GLN B 9 4.16 -9.55 -39.39
C GLN B 9 4.71 -8.27 -40.01
N VAL B 10 5.14 -8.34 -41.26
CA VAL B 10 5.68 -7.20 -41.98
C VAL B 10 4.76 -6.94 -43.17
N TYR B 11 4.26 -5.70 -43.27
CA TYR B 11 3.26 -5.38 -44.27
C TYR B 11 3.20 -3.86 -44.43
N SER B 12 2.51 -3.42 -45.48
CA SER B 12 2.32 -2.01 -45.76
C SER B 12 0.92 -1.57 -45.34
N ARG B 13 0.80 -0.28 -45.01
CA ARG B 13 -0.49 0.27 -44.61
C ARG B 13 -1.49 0.15 -45.75
N HIS B 14 -1.10 0.54 -46.96
CA HIS B 14 -1.93 0.48 -48.15
C HIS B 14 -1.30 -0.50 -49.14
N PRO B 15 -2.02 -0.93 -50.17
CA PRO B 15 -1.39 -1.79 -51.19
C PRO B 15 -0.14 -1.14 -51.77
N ALA B 16 0.94 -1.92 -51.85
CA ALA B 16 2.21 -1.37 -52.32
C ALA B 16 2.13 -0.99 -53.78
N GLU B 17 2.71 0.16 -54.11
CA GLU B 17 2.77 0.64 -55.49
C GLU B 17 4.05 1.44 -55.67
N ASN B 18 4.87 1.04 -56.64
CA ASN B 18 6.21 1.59 -56.82
C ASN B 18 6.17 3.08 -57.12
N GLY B 19 6.84 3.87 -56.28
CA GLY B 19 6.93 5.30 -56.46
C GLY B 19 5.93 6.11 -55.67
N LYS B 20 4.97 5.46 -55.01
CA LYS B 20 3.95 6.13 -54.22
C LYS B 20 4.22 5.89 -52.74
N SER B 21 4.21 6.98 -51.97
CA SER B 21 4.55 6.88 -50.55
C SER B 21 3.53 6.03 -49.80
N ASN B 22 4.04 5.18 -48.92
CA ASN B 22 3.22 4.27 -48.13
C ASN B 22 3.80 4.26 -46.71
N PHE B 23 3.27 3.37 -45.87
CA PHE B 23 3.80 3.15 -44.54
C PHE B 23 4.19 1.68 -44.40
N LEU B 24 5.41 1.43 -43.96
CA LEU B 24 5.88 0.08 -43.71
C LEU B 24 5.61 -0.26 -42.24
N ASN B 25 4.87 -1.33 -42.01
CA ASN B 25 4.51 -1.76 -40.67
C ASN B 25 5.25 -3.04 -40.34
N CYS B 26 5.63 -3.18 -39.06
CA CYS B 26 6.03 -4.46 -38.51
C CYS B 26 5.36 -4.61 -37.15
N TYR B 27 4.50 -5.61 -37.02
CA TYR B 27 3.62 -5.75 -35.87
C TYR B 27 4.13 -6.90 -35.02
N VAL B 28 4.40 -6.61 -33.75
CA VAL B 28 4.94 -7.60 -32.81
C VAL B 28 3.89 -7.86 -31.75
N SER B 29 3.53 -9.13 -31.57
CA SER B 29 2.39 -9.46 -30.73
C SER B 29 2.62 -10.81 -30.05
N GLY B 30 1.90 -11.01 -28.95
CA GLY B 30 1.87 -12.29 -28.28
C GLY B 30 3.11 -12.63 -27.48
N PHE B 31 3.92 -11.64 -27.11
CA PHE B 31 5.18 -11.90 -26.42
C PHE B 31 5.12 -11.44 -24.98
N HIS B 32 5.98 -12.05 -24.17
CA HIS B 32 6.16 -11.75 -22.76
C HIS B 32 7.60 -12.09 -22.42
N PRO B 33 8.31 -11.22 -21.68
CA PRO B 33 7.87 -9.94 -21.13
C PRO B 33 7.88 -8.78 -22.12
N SER B 34 7.62 -7.58 -21.60
CA SER B 34 7.42 -6.40 -22.45
C SER B 34 8.68 -5.96 -23.18
N ASP B 35 9.86 -6.16 -22.58
CA ASP B 35 11.09 -5.62 -23.15
C ASP B 35 11.37 -6.21 -24.52
N ILE B 36 11.54 -5.34 -25.52
CA ILE B 36 11.73 -5.78 -26.89
C ILE B 36 12.53 -4.73 -27.66
N GLU B 37 13.16 -5.16 -28.75
CA GLU B 37 13.89 -4.28 -29.65
C GLU B 37 13.43 -4.58 -31.07
N VAL B 38 13.01 -3.54 -31.79
CA VAL B 38 12.50 -3.67 -33.14
C VAL B 38 13.14 -2.61 -34.02
N ASP B 39 13.69 -3.03 -35.15
CA ASP B 39 14.26 -2.13 -36.14
C ASP B 39 13.70 -2.48 -37.50
N LEU B 40 13.39 -1.45 -38.29
CA LEU B 40 13.01 -1.63 -39.68
C LEU B 40 14.25 -1.44 -40.56
N LEU B 41 14.37 -2.26 -41.59
CA LEU B 41 15.59 -2.34 -42.38
C LEU B 41 15.31 -1.97 -43.83
N LYS B 42 16.15 -1.11 -44.39
CA LYS B 42 16.15 -0.77 -45.81
C LYS B 42 17.37 -1.43 -46.44
N ASN B 43 17.17 -2.56 -47.08
CA ASN B 43 18.24 -3.37 -47.65
C ASN B 43 19.33 -3.63 -46.61
N GLY B 44 18.92 -4.21 -45.49
CA GLY B 44 19.82 -4.65 -44.45
C GLY B 44 20.33 -3.60 -43.49
N GLU B 45 20.15 -2.32 -43.78
CA GLU B 45 20.66 -1.27 -42.91
C GLU B 45 19.51 -0.57 -42.17
N ARG B 46 19.81 -0.12 -40.95
CA ARG B 46 18.80 0.40 -40.04
C ARG B 46 18.19 1.70 -40.57
N ILE B 47 16.86 1.70 -40.72
CA ILE B 47 16.13 2.90 -41.12
C ILE B 47 16.01 3.85 -39.94
N GLU B 48 16.06 5.15 -40.24
CA GLU B 48 15.84 6.19 -39.26
C GLU B 48 14.37 6.62 -39.25
N LYS B 49 13.98 7.32 -38.18
CA LYS B 49 12.66 7.95 -38.08
C LYS B 49 11.53 6.92 -37.99
N VAL B 50 11.72 5.88 -37.20
CA VAL B 50 10.72 4.84 -37.02
C VAL B 50 10.04 5.04 -35.66
N GLU B 51 8.71 5.10 -35.67
CA GLU B 51 7.93 5.30 -34.46
C GLU B 51 7.28 3.98 -34.05
N HIS B 52 6.72 3.95 -32.84
CA HIS B 52 6.09 2.73 -32.39
C HIS B 52 4.86 3.04 -31.53
N SER B 53 3.92 2.10 -31.54
CA SER B 53 2.75 2.06 -30.66
C SER B 53 3.08 2.26 -29.19
N ASP B 54 2.08 2.71 -28.43
CA ASP B 54 2.15 2.64 -26.98
C ASP B 54 1.93 1.20 -26.52
N LEU B 55 2.64 0.80 -25.46
CA LEU B 55 2.58 -0.57 -25.00
C LEU B 55 1.17 -0.94 -24.54
N SER B 56 0.71 -2.10 -24.98
CA SER B 56 -0.58 -2.64 -24.56
C SER B 56 -0.48 -4.17 -24.59
N PHE B 57 -1.55 -4.82 -24.14
CA PHE B 57 -1.57 -6.28 -24.10
C PHE B 57 -2.98 -6.77 -24.34
N SER B 58 -3.08 -8.02 -24.77
CA SER B 58 -4.34 -8.63 -25.15
C SER B 58 -4.96 -9.35 -23.95
N LYS B 59 -6.04 -10.09 -24.21
CA LYS B 59 -6.79 -10.72 -23.13
C LYS B 59 -5.97 -11.78 -22.41
N ASP B 60 -5.06 -12.46 -23.11
CA ASP B 60 -4.21 -13.46 -22.49
C ASP B 60 -2.96 -12.87 -21.84
N TRP B 61 -2.90 -11.54 -21.72
CA TRP B 61 -1.87 -10.74 -21.04
C TRP B 61 -0.59 -10.58 -21.86
N SER B 62 -0.51 -11.10 -23.08
CA SER B 62 0.69 -10.98 -23.87
C SER B 62 0.66 -9.68 -24.67
N PHE B 63 1.82 -9.04 -24.80
CA PHE B 63 1.91 -7.69 -25.30
C PHE B 63 1.89 -7.65 -26.83
N TYR B 64 1.56 -6.47 -27.35
CA TYR B 64 1.71 -6.20 -28.77
C TYR B 64 2.23 -4.79 -28.98
N LEU B 65 2.97 -4.60 -30.05
CA LEU B 65 3.49 -3.29 -30.44
C LEU B 65 3.50 -3.19 -31.95
N LEU B 66 3.27 -1.97 -32.45
CA LEU B 66 3.36 -1.68 -33.88
C LEU B 66 4.52 -0.73 -34.10
N TYR B 67 5.46 -1.13 -34.97
CA TYR B 67 6.54 -0.26 -35.41
C TYR B 67 6.32 0.08 -36.86
N TYR B 68 6.49 1.36 -37.20
CA TYR B 68 6.11 1.84 -38.53
C TYR B 68 6.94 3.05 -38.91
N THR B 69 7.01 3.29 -40.21
CA THR B 69 7.73 4.42 -40.78
C THR B 69 7.23 4.64 -42.19
N GLU B 70 7.38 5.88 -42.67
CA GLU B 70 6.96 6.20 -44.02
C GLU B 70 8.07 5.85 -45.01
N PHE B 71 7.70 5.23 -46.12
CA PHE B 71 8.66 4.81 -47.12
C PHE B 71 8.00 4.86 -48.49
N THR B 72 8.81 4.76 -49.54
CA THR B 72 8.34 4.73 -50.91
C THR B 72 8.89 3.49 -51.59
N PRO B 73 8.05 2.49 -51.86
CA PRO B 73 8.57 1.21 -52.36
C PRO B 73 9.01 1.29 -53.81
N THR B 74 10.03 0.51 -54.12
CA THR B 74 10.48 0.24 -55.48
C THR B 74 10.45 -1.26 -55.68
N GLU B 75 10.91 -1.71 -56.85
CA GLU B 75 10.86 -3.14 -57.14
C GLU B 75 12.14 -3.88 -56.73
N LYS B 76 13.28 -3.21 -56.69
CA LYS B 76 14.53 -3.89 -56.40
C LYS B 76 14.89 -3.92 -54.92
N ASP B 77 14.42 -2.94 -54.15
CA ASP B 77 14.83 -2.82 -52.76
C ASP B 77 14.18 -3.88 -51.88
N GLU B 78 14.93 -4.33 -50.87
CA GLU B 78 14.46 -5.30 -49.89
C GLU B 78 14.18 -4.59 -48.57
N TYR B 79 13.04 -4.94 -47.97
CA TYR B 79 12.64 -4.40 -46.68
C TYR B 79 12.45 -5.54 -45.70
N ALA B 80 12.83 -5.31 -44.43
CA ALA B 80 12.77 -6.37 -43.44
C ALA B 80 12.56 -5.78 -42.07
N CYS B 81 12.13 -6.64 -41.14
CA CYS B 81 11.96 -6.31 -39.75
C CYS B 81 12.89 -7.17 -38.92
N ARG B 82 13.68 -6.54 -38.05
CA ARG B 82 14.61 -7.24 -37.17
C ARG B 82 14.08 -7.16 -35.74
N VAL B 83 13.86 -8.32 -35.14
CA VAL B 83 13.24 -8.42 -33.81
C VAL B 83 14.23 -9.10 -32.87
N ASN B 84 14.41 -8.53 -31.69
CA ASN B 84 15.22 -9.12 -30.64
C ASN B 84 14.42 -9.15 -29.35
N HIS B 85 14.44 -10.29 -28.67
CA HIS B 85 13.62 -10.49 -27.48
C HIS B 85 14.31 -11.53 -26.61
N VAL B 86 13.92 -11.56 -25.34
CA VAL B 86 14.58 -12.45 -24.38
C VAL B 86 14.39 -13.91 -24.76
N THR B 87 13.29 -14.23 -25.45
CA THR B 87 13.03 -15.60 -25.88
C THR B 87 13.84 -16.00 -27.11
N LEU B 88 14.53 -15.07 -27.74
CA LEU B 88 15.33 -15.34 -28.94
C LEU B 88 16.80 -15.29 -28.59
N SER B 89 17.53 -16.34 -28.97
CA SER B 89 18.98 -16.35 -28.80
C SER B 89 19.69 -15.38 -29.72
N GLN B 90 18.99 -14.84 -30.72
CA GLN B 90 19.62 -14.12 -31.82
C GLN B 90 18.54 -13.28 -32.49
N PRO B 91 18.84 -12.07 -32.97
CA PRO B 91 17.84 -11.28 -33.67
C PRO B 91 17.27 -12.04 -34.86
N LYS B 92 15.94 -11.96 -35.00
CA LYS B 92 15.23 -12.60 -36.10
C LYS B 92 14.86 -11.56 -37.15
N ILE B 93 15.06 -11.92 -38.42
CA ILE B 93 14.80 -11.03 -39.54
C ILE B 93 13.69 -11.63 -40.38
N VAL B 94 12.62 -10.87 -40.59
CA VAL B 94 11.48 -11.28 -41.40
C VAL B 94 11.37 -10.31 -42.58
N LYS B 95 11.47 -10.85 -43.79
CA LYS B 95 11.44 -10.01 -44.98
C LYS B 95 10.01 -9.62 -45.33
N TRP B 96 9.88 -8.47 -46.00
CA TRP B 96 8.58 -7.99 -46.46
C TRP B 96 8.20 -8.69 -47.76
N ASP B 97 7.04 -9.33 -47.77
CA ASP B 97 6.48 -9.91 -48.97
C ASP B 97 5.36 -9.02 -49.49
N ARG B 98 5.44 -8.66 -50.78
CA ARG B 98 4.48 -7.73 -51.36
C ARG B 98 3.06 -8.26 -51.29
N ASP B 99 2.90 -9.58 -51.38
CA ASP B 99 1.59 -10.22 -51.40
C ASP B 99 0.99 -10.43 -50.01
N MET B 100 1.78 -10.25 -48.96
CA MET B 100 1.36 -10.68 -47.62
C MET B 100 1.37 -9.54 -46.61
N ARG C 1 -12.14 7.83 -18.07
CA ARG C 1 -11.73 8.41 -16.80
C ARG C 1 -11.30 7.32 -15.82
N LEU C 2 -10.13 7.50 -15.20
CA LEU C 2 -9.60 6.50 -14.30
C LEU C 2 -10.41 6.46 -13.01
N GLN C 3 -10.35 5.30 -12.35
CA GLN C 3 -10.89 5.15 -11.00
C GLN C 3 -9.83 5.62 -10.00
N SER C 4 -10.28 6.33 -8.96
CA SER C 4 -9.36 6.96 -8.04
C SER C 4 -8.84 5.99 -6.99
N LEU C 5 -9.61 4.95 -6.64
CA LEU C 5 -9.24 4.08 -5.54
C LEU C 5 -7.88 3.43 -5.80
N GLN C 6 -7.00 3.52 -4.81
CA GLN C 6 -5.68 2.89 -4.85
C GLN C 6 -5.76 1.56 -4.11
N THR C 7 -5.29 0.50 -4.75
CA THR C 7 -5.35 -0.84 -4.20
C THR C 7 -3.95 -1.43 -4.12
N TYR C 8 -3.70 -2.18 -3.06
CA TYR C 8 -2.41 -2.81 -2.80
C TYR C 8 -2.62 -4.32 -2.76
N VAL C 9 -1.79 -5.05 -3.49
CA VAL C 9 -1.88 -6.51 -3.51
C VAL C 9 -1.52 -7.07 -2.13
N GLY D 1 -15.44 3.43 37.43
CA GLY D 1 -15.20 4.50 36.48
C GLY D 1 -15.13 4.03 35.04
N SER D 2 -14.49 4.82 34.20
CA SER D 2 -14.37 4.54 32.77
C SER D 2 -13.10 3.74 32.51
N HIS D 3 -13.04 3.15 31.30
CA HIS D 3 -11.95 2.27 30.93
C HIS D 3 -11.59 2.47 29.46
N SER D 4 -10.46 1.90 29.07
CA SER D 4 -9.93 2.14 27.74
C SER D 4 -9.16 0.91 27.25
N MET D 5 -9.27 0.66 25.94
CA MET D 5 -8.39 -0.26 25.24
C MET D 5 -7.70 0.51 24.11
N ARG D 6 -6.37 0.50 24.13
CA ARG D 6 -5.59 1.24 23.14
C ARG D 6 -4.46 0.36 22.60
N TYR D 7 -4.13 0.57 21.32
CA TYR D 7 -3.02 -0.10 20.67
C TYR D 7 -2.01 0.94 20.19
N PHE D 8 -0.74 0.59 20.29
CA PHE D 8 0.35 1.50 19.92
C PHE D 8 1.27 0.81 18.93
N PHE D 9 1.55 1.48 17.82
CA PHE D 9 2.45 0.98 16.79
C PHE D 9 3.65 1.90 16.65
N THR D 10 4.83 1.32 16.51
CA THR D 10 6.05 2.07 16.25
C THR D 10 6.87 1.36 15.19
N SER D 11 7.46 2.13 14.28
CA SER D 11 8.34 1.57 13.25
C SER D 11 9.47 2.54 12.98
N VAL D 12 10.70 2.07 13.19
CA VAL D 12 11.91 2.88 13.00
C VAL D 12 12.70 2.28 11.84
N SER D 13 12.96 3.09 10.82
CA SER D 13 13.77 2.67 9.69
C SER D 13 15.26 2.72 10.04
N ARG D 14 16.02 1.79 9.47
CA ARG D 14 17.46 1.69 9.67
C ARG D 14 18.14 1.56 8.32
N PRO D 15 18.43 2.68 7.65
CA PRO D 15 19.10 2.61 6.34
C PRO D 15 20.46 1.93 6.44
N GLY D 16 20.65 0.90 5.62
CA GLY D 16 21.89 0.16 5.60
C GLY D 16 21.95 -1.01 6.56
N ARG D 17 20.93 -1.20 7.39
CA ARG D 17 20.94 -2.23 8.41
C ARG D 17 19.67 -3.06 8.38
N GLY D 18 19.04 -3.17 7.22
CA GLY D 18 17.90 -4.05 7.03
C GLY D 18 16.57 -3.35 7.03
N GLU D 19 15.52 -4.14 7.24
CA GLU D 19 14.17 -3.62 7.26
C GLU D 19 13.93 -2.82 8.54
N PRO D 20 12.92 -1.95 8.54
CA PRO D 20 12.61 -1.20 9.76
C PRO D 20 12.12 -2.12 10.87
N ARG D 21 12.34 -1.69 12.11
CA ARG D 21 11.93 -2.45 13.28
C ARG D 21 10.53 -2.02 13.71
N PHE D 22 9.63 -2.99 13.85
CA PHE D 22 8.24 -2.74 14.19
C PHE D 22 7.96 -3.27 15.60
N ILE D 23 7.41 -2.40 16.45
CA ILE D 23 7.04 -2.75 17.81
C ILE D 23 5.59 -2.35 18.03
N ALA D 24 4.78 -3.28 18.53
CA ALA D 24 3.37 -3.04 18.78
C ALA D 24 3.00 -3.56 20.17
N VAL D 25 2.20 -2.77 20.89
CA VAL D 25 1.76 -3.12 22.23
C VAL D 25 0.29 -2.71 22.39
N GLY D 26 -0.43 -3.44 23.20
CA GLY D 26 -1.83 -3.15 23.50
C GLY D 26 -2.05 -2.97 24.98
N TYR D 27 -2.87 -1.99 25.34
CA TYR D 27 -3.11 -1.62 26.72
C TYR D 27 -4.59 -1.66 27.04
N VAL D 28 -4.91 -2.07 28.26
CA VAL D 28 -6.25 -1.94 28.83
C VAL D 28 -6.10 -1.12 30.10
N ASP D 29 -6.60 0.11 30.08
CA ASP D 29 -6.30 1.12 31.11
C ASP D 29 -4.78 1.27 31.14
N ASP D 30 -4.13 1.16 32.31
CA ASP D 30 -2.69 1.22 32.42
C ASP D 30 -2.07 -0.17 32.53
N THR D 31 -2.69 -1.18 31.92
CA THR D 31 -2.24 -2.56 31.97
C THR D 31 -1.98 -3.07 30.57
N GLN D 32 -0.72 -3.38 30.27
CA GLN D 32 -0.36 -3.94 28.98
C GLN D 32 -0.66 -5.43 28.94
N PHE D 33 -1.24 -5.90 27.83
CA PHE D 33 -1.64 -7.29 27.73
C PHE D 33 -1.11 -8.04 26.52
N VAL D 34 -0.58 -7.36 25.50
CA VAL D 34 0.03 -8.02 24.36
C VAL D 34 1.22 -7.22 23.87
N ARG D 35 2.05 -7.85 23.04
CA ARG D 35 3.20 -7.20 22.45
C ARG D 35 3.64 -7.99 21.21
N PHE D 36 4.25 -7.28 20.27
CA PHE D 36 4.90 -7.89 19.12
C PHE D 36 6.16 -7.12 18.79
N ASP D 37 7.27 -7.85 18.63
CA ASP D 37 8.54 -7.26 18.20
C ASP D 37 8.97 -7.94 16.91
N SER D 38 9.07 -7.14 15.84
CA SER D 38 9.50 -7.69 14.56
C SER D 38 10.94 -8.17 14.58
N ASP D 39 11.72 -7.77 15.59
CA ASP D 39 13.11 -8.19 15.73
C ASP D 39 13.27 -9.38 16.66
N ALA D 40 12.19 -9.84 17.29
CA ALA D 40 12.28 -10.97 18.21
C ALA D 40 12.30 -12.29 17.44
N ALA D 41 12.66 -13.36 18.14
CA ALA D 41 12.69 -14.68 17.52
C ALA D 41 11.31 -15.31 17.44
N SER D 42 10.42 -14.97 18.37
CA SER D 42 9.07 -15.52 18.39
C SER D 42 8.38 -15.36 17.04
N GLN D 43 8.41 -14.14 16.48
CA GLN D 43 7.64 -13.80 15.28
C GLN D 43 6.15 -14.02 15.50
N ARG D 44 5.68 -13.72 16.71
CA ARG D 44 4.31 -13.98 17.12
C ARG D 44 3.88 -12.94 18.14
N MET D 45 2.58 -12.64 18.14
CA MET D 45 2.01 -11.82 19.21
C MET D 45 2.07 -12.59 20.53
N GLU D 46 2.37 -11.88 21.60
CA GLU D 46 2.66 -12.53 22.87
C GLU D 46 1.82 -11.96 24.00
N PRO D 47 1.38 -12.80 24.93
CA PRO D 47 0.65 -12.30 26.10
C PRO D 47 1.57 -11.55 27.06
N ARG D 48 1.01 -10.51 27.69
CA ARG D 48 1.72 -9.72 28.68
C ARG D 48 0.90 -9.51 29.94
N ALA D 49 -0.24 -10.19 30.06
CA ALA D 49 -1.08 -10.18 31.26
C ALA D 49 -1.67 -11.57 31.43
N PRO D 50 -1.96 -11.97 32.68
CA PRO D 50 -2.46 -13.35 32.87
C PRO D 50 -3.83 -13.60 32.26
N TRP D 51 -4.72 -12.61 32.30
CA TRP D 51 -6.09 -12.84 31.88
C TRP D 51 -6.24 -12.98 30.37
N ILE D 52 -5.25 -12.55 29.59
CA ILE D 52 -5.33 -12.74 28.14
C ILE D 52 -4.87 -14.13 27.72
N GLU D 53 -4.18 -14.86 28.60
CA GLU D 53 -3.63 -16.16 28.22
C GLU D 53 -4.73 -17.18 27.91
N GLN D 54 -5.91 -17.03 28.50
CA GLN D 54 -6.99 -17.99 28.30
C GLN D 54 -7.57 -17.95 26.89
N GLU D 55 -7.28 -16.91 26.10
CA GLU D 55 -7.73 -16.88 24.72
C GLU D 55 -7.09 -18.01 23.93
N GLY D 56 -7.87 -18.62 23.04
CA GLY D 56 -7.47 -19.84 22.39
C GLY D 56 -6.51 -19.60 21.24
N PRO D 57 -6.11 -20.70 20.59
CA PRO D 57 -5.12 -20.60 19.51
C PRO D 57 -5.58 -19.78 18.33
N GLU D 58 -6.88 -19.78 18.01
CA GLU D 58 -7.38 -18.97 16.91
C GLU D 58 -7.16 -17.48 17.18
N TYR D 59 -7.25 -17.06 18.44
CA TYR D 59 -6.98 -15.68 18.78
C TYR D 59 -5.53 -15.31 18.50
N TRP D 60 -4.59 -16.14 18.96
CA TRP D 60 -3.18 -15.80 18.84
C TRP D 60 -2.68 -15.90 17.40
N ASP D 61 -3.23 -16.83 16.60
CA ASP D 61 -2.90 -16.90 15.18
C ASP D 61 -3.45 -15.70 14.43
N GLY D 62 -4.66 -15.27 14.78
CA GLY D 62 -5.25 -14.14 14.08
C GLY D 62 -4.53 -12.84 14.38
N GLU D 63 -4.11 -12.66 15.64
CA GLU D 63 -3.39 -11.46 16.00
C GLU D 63 -1.97 -11.47 15.44
N THR D 64 -1.34 -12.64 15.35
CA THR D 64 -0.02 -12.72 14.71
C THR D 64 -0.12 -12.39 13.23
N ARG D 65 -1.15 -12.93 12.56
CA ARG D 65 -1.33 -12.68 11.14
C ARG D 65 -1.60 -11.19 10.87
N LYS D 66 -2.43 -10.57 11.71
CA LYS D 66 -2.79 -9.18 11.49
C LYS D 66 -1.63 -8.23 11.82
N VAL D 67 -0.96 -8.45 12.96
CA VAL D 67 0.13 -7.56 13.33
C VAL D 67 1.32 -7.73 12.40
N LYS D 68 1.47 -8.90 11.78
CA LYS D 68 2.51 -9.06 10.76
C LYS D 68 2.18 -8.25 9.51
N ALA D 69 0.89 -8.16 9.16
CA ALA D 69 0.50 -7.38 7.99
C ALA D 69 0.64 -5.89 8.25
N HIS D 70 0.32 -5.44 9.47
CA HIS D 70 0.48 -4.04 9.80
C HIS D 70 1.96 -3.65 9.88
N SER D 71 2.80 -4.57 10.37
CA SER D 71 4.25 -4.43 10.27
C SER D 71 4.69 -3.98 8.89
N GLN D 72 4.31 -4.74 7.87
CA GLN D 72 4.74 -4.44 6.50
C GLN D 72 4.09 -3.16 5.98
N THR D 73 2.86 -2.89 6.44
CA THR D 73 2.17 -1.67 6.03
C THR D 73 2.95 -0.43 6.43
N HIS D 74 3.46 -0.40 7.67
CA HIS D 74 4.24 0.74 8.12
C HIS D 74 5.64 0.77 7.52
N ARG D 75 6.11 -0.36 6.97
CA ARG D 75 7.33 -0.34 6.18
C ARG D 75 7.13 0.46 4.90
N VAL D 76 6.05 0.18 4.18
CA VAL D 76 5.73 0.93 2.96
C VAL D 76 5.53 2.40 3.28
N ASP D 77 4.90 2.71 4.42
CA ASP D 77 4.63 4.09 4.79
C ASP D 77 5.90 4.91 4.89
N LEU D 78 6.97 4.32 5.43
CA LEU D 78 8.23 5.04 5.59
C LEU D 78 8.80 5.46 4.24
N GLY D 79 8.62 4.63 3.22
CA GLY D 79 9.03 5.03 1.89
C GLY D 79 8.11 6.10 1.30
N THR D 80 6.81 5.94 1.50
CA THR D 80 5.84 6.91 0.97
C THR D 80 6.06 8.29 1.58
N LEU D 81 6.28 8.35 2.90
CA LEU D 81 6.50 9.64 3.55
C LEU D 81 7.83 10.25 3.17
N ARG D 82 8.84 9.41 2.91
CA ARG D 82 10.13 9.90 2.43
C ARG D 82 9.97 10.62 1.09
N GLY D 83 9.11 10.11 0.22
CA GLY D 83 8.84 10.78 -1.03
C GLY D 83 8.02 12.05 -0.85
N TYR D 84 7.03 12.02 0.04
CA TYR D 84 6.19 13.18 0.30
C TYR D 84 7.02 14.40 0.71
N TYR D 85 8.15 14.18 1.39
CA TYR D 85 8.95 15.26 1.93
C TYR D 85 10.28 15.43 1.21
N ASN D 86 10.50 14.69 0.11
CA ASN D 86 11.74 14.76 -0.67
C ASN D 86 12.97 14.59 0.22
N GLN D 87 12.92 13.58 1.08
CA GLN D 87 14.03 13.25 1.96
C GLN D 87 14.93 12.19 1.33
N SER D 88 16.18 12.16 1.78
CA SER D 88 17.15 11.20 1.28
C SER D 88 17.06 9.88 2.05
N GLU D 89 17.51 8.81 1.40
CA GLU D 89 17.43 7.48 1.99
C GLU D 89 18.38 7.26 3.16
N ALA D 90 19.23 8.23 3.48
CA ALA D 90 20.30 7.98 4.45
C ALA D 90 19.82 8.09 5.89
N GLY D 91 18.83 8.93 6.17
CA GLY D 91 18.44 9.20 7.54
C GLY D 91 17.40 8.23 8.09
N SER D 92 17.36 8.13 9.41
CA SER D 92 16.41 7.30 10.12
C SER D 92 15.17 8.10 10.48
N HIS D 93 14.01 7.50 10.26
CA HIS D 93 12.73 8.15 10.53
C HIS D 93 11.81 7.21 11.30
N THR D 94 10.85 7.82 12.00
CA THR D 94 9.94 7.12 12.89
C THR D 94 8.51 7.27 12.38
N VAL D 95 7.72 6.20 12.53
CA VAL D 95 6.30 6.21 12.21
C VAL D 95 5.55 5.63 13.39
N GLN D 96 4.50 6.33 13.84
CA GLN D 96 3.74 5.94 15.01
C GLN D 96 2.25 5.98 14.70
N ARG D 97 1.53 4.97 15.19
CA ARG D 97 0.08 4.92 15.05
C ARG D 97 -0.54 4.52 16.39
N MET D 98 -1.63 5.17 16.75
CA MET D 98 -2.35 4.87 17.97
C MET D 98 -3.84 4.89 17.70
N TYR D 99 -4.56 3.91 18.22
CA TYR D 99 -6.02 3.91 18.14
C TYR D 99 -6.59 3.13 19.31
N GLY D 100 -7.85 3.39 19.60
CA GLY D 100 -8.53 2.70 20.67
C GLY D 100 -9.88 3.32 20.93
N CYS D 101 -10.59 2.72 21.89
CA CYS D 101 -11.93 3.17 22.27
C CYS D 101 -12.00 3.41 23.77
N ASP D 102 -12.92 4.29 24.16
CA ASP D 102 -13.21 4.57 25.55
C ASP D 102 -14.66 4.24 25.86
N VAL D 103 -14.90 3.67 27.04
CA VAL D 103 -16.25 3.40 27.53
C VAL D 103 -16.37 3.99 28.92
N GLY D 104 -17.59 4.39 29.28
CA GLY D 104 -17.85 5.02 30.55
C GLY D 104 -18.02 4.01 31.67
N SER D 105 -18.53 4.50 32.80
CA SER D 105 -18.71 3.64 33.97
C SER D 105 -19.73 2.54 33.70
N ASP D 106 -20.69 2.80 32.82
CA ASP D 106 -21.65 1.78 32.40
C ASP D 106 -21.12 0.93 31.25
N TRP D 107 -19.86 1.13 30.86
CA TRP D 107 -19.20 0.35 29.83
C TRP D 107 -19.83 0.54 28.46
N ARG D 108 -20.49 1.67 28.24
CA ARG D 108 -21.03 2.02 26.94
C ARG D 108 -20.07 2.95 26.21
N PHE D 109 -20.09 2.88 24.88
CA PHE D 109 -19.12 3.61 24.07
C PHE D 109 -19.17 5.10 24.38
N LEU D 110 -18.00 5.70 24.56
CA LEU D 110 -17.89 7.12 24.89
C LEU D 110 -17.17 7.91 23.82
N ARG D 111 -16.04 7.41 23.32
CA ARG D 111 -15.24 8.13 22.35
C ARG D 111 -14.26 7.17 21.69
N GLY D 112 -13.97 7.42 20.41
CA GLY D 112 -12.97 6.66 19.69
C GLY D 112 -11.95 7.59 19.09
N TYR D 113 -10.79 7.02 18.75
CA TYR D 113 -9.71 7.83 18.22
C TYR D 113 -8.78 6.95 17.38
N HIS D 114 -8.18 7.58 16.37
CA HIS D 114 -7.25 6.91 15.47
C HIS D 114 -6.29 7.98 14.93
N GLN D 115 -5.03 7.92 15.36
CA GLN D 115 -4.07 8.98 15.07
C GLN D 115 -2.80 8.39 14.46
N TYR D 116 -2.00 9.26 13.85
CA TYR D 116 -0.82 8.87 13.11
C TYR D 116 0.21 10.00 13.21
N ALA D 117 1.46 9.62 13.43
CA ALA D 117 2.55 10.60 13.57
C ALA D 117 3.73 10.18 12.71
N TYR D 118 4.47 11.19 12.25
CA TYR D 118 5.69 10.98 11.48
C TYR D 118 6.81 11.78 12.14
N ASP D 119 7.86 11.09 12.57
CA ASP D 119 9.00 11.71 13.23
C ASP D 119 8.59 12.49 14.47
N GLY D 120 7.62 11.95 15.21
CA GLY D 120 7.23 12.54 16.48
C GLY D 120 6.23 13.68 16.39
N LYS D 121 5.88 14.11 15.18
CA LYS D 121 4.98 15.24 14.98
C LYS D 121 3.63 14.76 14.48
N ASP D 122 2.57 15.48 14.86
CA ASP D 122 1.24 15.18 14.38
C ASP D 122 1.20 15.16 12.87
N TYR D 123 0.51 14.16 12.30
CA TYR D 123 0.40 14.02 10.85
C TYR D 123 -1.05 13.97 10.43
N ILE D 124 -1.78 12.88 10.74
CA ILE D 124 -3.20 12.78 10.45
C ILE D 124 -3.87 12.06 11.62
N ALA D 125 -5.10 12.45 11.91
CA ALA D 125 -5.86 11.86 13.00
C ALA D 125 -7.35 11.93 12.68
N LEU D 126 -8.06 10.86 13.01
CA LEU D 126 -9.50 10.85 12.84
C LEU D 126 -10.13 11.87 13.78
N LYS D 127 -11.09 12.63 13.26
CA LYS D 127 -11.78 13.62 14.08
C LYS D 127 -12.69 12.91 15.08
N GLU D 128 -13.16 13.69 16.06
CA GLU D 128 -13.90 13.11 17.17
C GLU D 128 -15.20 12.44 16.72
N ASP D 129 -15.80 12.96 15.64
CA ASP D 129 -17.02 12.34 15.12
C ASP D 129 -16.75 11.04 14.40
N LEU D 130 -15.48 10.66 14.21
CA LEU D 130 -15.08 9.45 13.50
C LEU D 130 -15.59 9.46 12.06
N ARG D 131 -15.76 10.65 11.50
CA ARG D 131 -16.21 10.82 10.12
C ARG D 131 -15.34 11.76 9.30
N SER D 132 -14.40 12.48 9.91
CA SER D 132 -13.63 13.50 9.22
C SER D 132 -12.17 13.38 9.66
N TRP D 133 -11.30 14.10 8.96
CA TRP D 133 -9.85 13.98 9.14
C TRP D 133 -9.23 15.31 9.48
N THR D 134 -8.24 15.29 10.38
CA THR D 134 -7.37 16.42 10.66
C THR D 134 -6.01 16.13 10.02
N ALA D 135 -5.65 16.92 9.02
CA ALA D 135 -4.34 16.82 8.38
C ALA D 135 -3.44 17.93 8.87
N ALA D 136 -2.16 17.61 9.11
CA ALA D 136 -1.23 18.56 9.69
C ALA D 136 -0.58 19.46 8.65
N ASP D 137 -0.05 18.88 7.58
CA ASP D 137 0.54 19.68 6.51
C ASP D 137 -0.05 19.30 5.16
N MET D 138 0.57 19.76 4.08
CA MET D 138 0.06 19.48 2.73
C MET D 138 0.32 18.05 2.29
N ALA D 139 1.29 17.37 2.89
CA ALA D 139 1.52 15.96 2.56
C ALA D 139 0.43 15.09 3.17
N ALA D 140 0.01 15.41 4.40
CA ALA D 140 -1.09 14.68 5.02
C ALA D 140 -2.42 14.95 4.31
N GLN D 141 -2.52 16.03 3.54
CA GLN D 141 -3.71 16.27 2.74
C GLN D 141 -3.83 15.23 1.64
N THR D 142 -2.71 14.82 1.05
CA THR D 142 -2.73 13.73 0.08
C THR D 142 -3.22 12.44 0.74
N THR D 143 -2.71 12.14 1.93
CA THR D 143 -3.21 11.00 2.69
C THR D 143 -4.70 11.12 2.95
N LYS D 144 -5.17 12.32 3.32
CA LYS D 144 -6.58 12.54 3.60
C LYS D 144 -7.44 12.19 2.38
N HIS D 145 -7.11 12.76 1.22
CA HIS D 145 -7.88 12.45 0.02
C HIS D 145 -7.71 11.01 -0.40
N LYS D 146 -6.52 10.45 -0.18
CA LYS D 146 -6.30 9.03 -0.44
C LYS D 146 -7.23 8.16 0.40
N TRP D 147 -7.35 8.49 1.68
CA TRP D 147 -8.21 7.73 2.58
C TRP D 147 -9.69 8.08 2.41
N GLU D 148 -10.00 9.27 1.88
CA GLU D 148 -11.39 9.59 1.59
C GLU D 148 -11.91 8.80 0.40
N ALA D 149 -11.05 8.53 -0.59
CA ALA D 149 -11.46 7.70 -1.71
C ALA D 149 -11.58 6.22 -1.31
N ALA D 150 -10.83 5.80 -0.29
CA ALA D 150 -10.87 4.44 0.18
C ALA D 150 -11.87 4.23 1.31
N HIS D 151 -12.63 5.27 1.69
CA HIS D 151 -13.67 5.17 2.70
C HIS D 151 -13.12 4.59 4.01
N VAL D 152 -11.94 5.08 4.41
CA VAL D 152 -11.26 4.53 5.57
C VAL D 152 -11.99 4.88 6.86
N ALA D 153 -12.50 6.12 6.95
CA ALA D 153 -13.12 6.57 8.20
C ALA D 153 -14.33 5.73 8.58
N GLU D 154 -15.14 5.32 7.58
CA GLU D 154 -16.31 4.52 7.88
C GLU D 154 -15.92 3.14 8.42
N GLN D 155 -14.86 2.56 7.89
CA GLN D 155 -14.43 1.24 8.35
C GLN D 155 -13.72 1.29 9.70
N LEU D 156 -13.08 2.42 10.01
CA LEU D 156 -12.52 2.60 11.35
C LEU D 156 -13.61 2.83 12.39
N ARG D 157 -14.64 3.60 12.03
CA ARG D 157 -15.72 3.87 12.97
C ARG D 157 -16.48 2.60 13.33
N ALA D 158 -16.70 1.71 12.35
CA ALA D 158 -17.39 0.46 12.62
C ALA D 158 -16.64 -0.37 13.66
N TYR D 159 -15.31 -0.35 13.61
CA TYR D 159 -14.51 -1.08 14.59
C TYR D 159 -14.54 -0.38 15.95
N LEU D 160 -14.28 0.93 15.96
CA LEU D 160 -14.12 1.66 17.22
C LEU D 160 -15.42 1.72 18.01
N GLU D 161 -16.57 1.72 17.33
CA GLU D 161 -17.85 1.76 18.02
C GLU D 161 -18.43 0.37 18.28
N GLY D 162 -17.93 -0.66 17.59
CA GLY D 162 -18.42 -2.00 17.75
C GLY D 162 -17.41 -2.97 18.34
N THR D 163 -16.58 -3.52 17.45
CA THR D 163 -15.59 -4.53 17.85
C THR D 163 -14.77 -4.12 19.07
N CYS D 164 -14.41 -2.84 19.17
CA CYS D 164 -13.42 -2.43 20.17
C CYS D 164 -14.04 -2.27 21.55
N VAL D 165 -15.28 -1.80 21.63
CA VAL D 165 -15.99 -1.74 22.91
C VAL D 165 -16.34 -3.15 23.39
N GLU D 166 -16.67 -4.05 22.46
CA GLU D 166 -17.12 -5.37 22.85
C GLU D 166 -15.96 -6.23 23.36
N TRP D 167 -14.79 -6.11 22.74
CA TRP D 167 -13.62 -6.85 23.24
C TRP D 167 -13.03 -6.20 24.48
N LEU D 168 -13.23 -4.89 24.65
CA LEU D 168 -12.79 -4.24 25.88
C LEU D 168 -13.64 -4.69 27.06
N ARG D 169 -14.95 -4.88 26.84
CA ARG D 169 -15.81 -5.39 27.90
C ARG D 169 -15.42 -6.81 28.27
N ARG D 170 -15.12 -7.66 27.28
CA ARG D 170 -14.74 -9.04 27.54
C ARG D 170 -13.48 -9.11 28.39
N TYR D 171 -12.46 -8.31 28.03
CA TYR D 171 -11.23 -8.29 28.82
C TYR D 171 -11.50 -7.84 30.26
N LEU D 172 -12.37 -6.85 30.43
CA LEU D 172 -12.61 -6.30 31.77
C LEU D 172 -13.18 -7.36 32.71
N GLU D 173 -14.08 -8.21 32.22
CA GLU D 173 -14.60 -9.30 33.04
C GLU D 173 -13.55 -10.38 33.27
N ASN D 174 -12.98 -10.91 32.19
CA ASN D 174 -12.02 -12.01 32.29
C ASN D 174 -10.84 -11.68 33.20
N GLY D 175 -10.56 -10.40 33.42
CA GLY D 175 -9.51 -9.99 34.33
C GLY D 175 -10.06 -9.06 35.40
N LYS D 176 -11.26 -9.39 35.91
CA LYS D 176 -11.94 -8.50 36.84
C LYS D 176 -11.16 -8.33 38.13
N GLU D 177 -10.47 -9.39 38.57
CA GLU D 177 -9.73 -9.32 39.82
C GLU D 177 -8.47 -8.47 39.68
N THR D 178 -8.08 -8.15 38.45
CA THR D 178 -6.89 -7.35 38.16
C THR D 178 -7.24 -5.98 37.59
N LEU D 179 -8.05 -5.92 36.54
CA LEU D 179 -8.33 -4.67 35.86
C LEU D 179 -9.32 -3.80 36.60
N GLN D 180 -10.14 -4.36 37.48
CA GLN D 180 -11.18 -3.61 38.17
C GLN D 180 -10.84 -3.29 39.62
N ARG D 181 -9.64 -3.66 40.09
CA ARG D 181 -9.21 -3.24 41.40
C ARG D 181 -8.90 -1.74 41.39
N THR D 182 -8.90 -1.14 42.57
CA THR D 182 -8.62 0.28 42.73
C THR D 182 -7.78 0.44 43.99
N ASP D 183 -6.46 0.44 43.81
CA ASP D 183 -5.53 0.57 44.93
C ASP D 183 -5.46 2.03 45.34
N ALA D 184 -5.96 2.33 46.54
CA ALA D 184 -5.89 3.69 47.04
C ALA D 184 -4.44 4.07 47.32
N PRO D 185 -4.03 5.28 46.96
CA PRO D 185 -2.64 5.68 47.21
C PRO D 185 -2.36 5.83 48.70
N LYS D 186 -1.12 5.52 49.07
CA LYS D 186 -0.63 5.75 50.42
C LYS D 186 0.18 7.04 50.44
N THR D 187 -0.15 7.93 51.35
CA THR D 187 0.28 9.32 51.30
C THR D 187 1.13 9.65 52.52
N HIS D 188 2.29 10.26 52.29
CA HIS D 188 3.15 10.71 53.37
C HIS D 188 3.88 11.97 52.95
N MET D 189 4.70 12.49 53.86
CA MET D 189 5.40 13.75 53.70
C MET D 189 6.77 13.66 54.35
N THR D 190 7.80 14.13 53.65
CA THR D 190 9.19 14.00 54.04
C THR D 190 9.69 15.17 54.90
N HIS D 191 10.77 14.91 55.66
CA HIS D 191 11.47 15.94 56.42
C HIS D 191 12.96 15.83 56.16
N HIS D 192 13.53 16.93 55.66
CA HIS D 192 14.82 16.94 54.92
C HIS D 192 15.38 18.38 55.00
N ALA D 193 16.29 18.62 55.95
CA ALA D 193 16.76 19.98 56.20
C ALA D 193 17.35 20.63 54.95
N VAL D 194 17.04 21.91 54.76
CA VAL D 194 17.75 22.68 53.73
C VAL D 194 19.11 23.13 54.23
N SER D 195 19.12 23.91 55.32
CA SER D 195 20.33 24.47 55.87
C SER D 195 20.02 25.08 57.24
N ASP D 196 20.16 26.41 57.34
CA ASP D 196 19.76 27.11 58.55
C ASP D 196 18.35 27.66 58.53
N HIS D 197 17.67 27.74 57.36
CA HIS D 197 16.40 28.46 57.33
C HIS D 197 15.26 27.77 56.58
N GLU D 198 15.46 26.57 56.06
CA GLU D 198 14.32 25.80 55.59
C GLU D 198 14.57 24.30 55.64
N ALA D 199 13.52 23.59 55.21
CA ALA D 199 13.35 22.15 55.27
C ALA D 199 12.34 21.78 54.18
N THR D 200 11.79 20.56 54.29
CA THR D 200 10.96 19.88 53.27
C THR D 200 9.43 20.08 53.34
N LEU D 201 8.82 20.26 52.16
CA LEU D 201 7.46 19.75 51.87
C LEU D 201 7.45 18.88 50.61
N ARG D 202 7.56 17.55 50.71
CA ARG D 202 7.33 16.70 49.54
C ARG D 202 6.04 15.92 49.75
N CYS D 203 5.08 16.06 48.82
CA CYS D 203 3.81 15.35 48.92
C CYS D 203 3.88 14.09 48.07
N TRP D 204 3.75 12.94 48.73
CA TRP D 204 4.00 11.64 48.11
C TRP D 204 2.70 10.86 47.93
N ALA D 205 2.58 10.18 46.79
CA ALA D 205 1.50 9.23 46.53
C ALA D 205 2.13 7.97 45.97
N LEU D 206 1.97 6.85 46.69
CA LEU D 206 2.61 5.60 46.32
C LEU D 206 1.58 4.48 46.22
N SER D 207 1.92 3.48 45.40
CA SER D 207 1.17 2.22 45.32
C SER D 207 -0.31 2.44 45.03
N PHE D 208 -0.57 3.22 43.98
CA PHE D 208 -1.93 3.41 43.50
C PHE D 208 -2.09 2.85 42.09
N TYR D 209 -3.33 2.49 41.75
CA TYR D 209 -3.72 2.08 40.42
C TYR D 209 -5.19 2.44 40.25
N PRO D 210 -5.59 2.98 39.08
CA PRO D 210 -4.77 3.31 37.91
C PRO D 210 -3.93 4.58 38.09
N ALA D 211 -3.26 4.98 37.00
CA ALA D 211 -2.25 6.02 37.05
C ALA D 211 -2.81 7.42 37.23
N GLU D 212 -4.08 7.68 36.90
CA GLU D 212 -4.59 9.04 36.97
C GLU D 212 -4.75 9.46 38.44
N ILE D 213 -4.25 10.66 38.75
CA ILE D 213 -4.18 11.15 40.12
C ILE D 213 -3.98 12.66 40.04
N THR D 214 -4.33 13.38 41.11
CA THR D 214 -4.21 14.83 41.12
C THR D 214 -3.61 15.27 42.44
N LEU D 215 -2.43 15.87 42.38
CA LEU D 215 -1.70 16.36 43.56
C LEU D 215 -1.62 17.88 43.50
N THR D 216 -1.94 18.53 44.61
CA THR D 216 -1.87 19.98 44.69
C THR D 216 -1.25 20.39 46.02
N TRP D 217 -0.37 21.38 45.98
CA TRP D 217 0.37 21.84 47.15
C TRP D 217 -0.08 23.25 47.53
N GLN D 218 -0.58 23.42 48.76
CA GLN D 218 -0.96 24.74 49.25
C GLN D 218 -0.62 24.86 50.74
N ARG D 219 -0.57 26.08 51.24
CA ARG D 219 -0.22 26.35 52.64
C ARG D 219 -1.32 27.21 53.24
N ASP D 220 -1.79 26.82 54.42
CA ASP D 220 -2.80 27.52 55.24
C ASP D 220 -4.22 27.23 54.79
N GLY D 221 -4.41 26.64 53.61
CA GLY D 221 -5.66 26.64 52.88
C GLY D 221 -5.59 27.60 51.71
N GLU D 222 -4.49 28.36 51.63
CA GLU D 222 -4.15 29.39 50.66
C GLU D 222 -3.16 28.90 49.60
N ASP D 223 -3.40 29.31 48.36
CA ASP D 223 -2.79 28.69 47.18
C ASP D 223 -1.34 29.09 46.99
N GLN D 224 -0.52 28.12 46.61
CA GLN D 224 0.79 28.42 46.07
C GLN D 224 1.08 27.35 45.02
N THR D 225 0.87 27.68 43.76
CA THR D 225 1.37 26.84 42.69
C THR D 225 2.53 27.59 42.07
N GLN D 226 3.23 28.31 42.95
CA GLN D 226 4.52 28.89 42.61
C GLN D 226 5.49 27.94 41.97
N ASP D 227 6.38 27.43 42.79
CA ASP D 227 7.38 26.53 42.29
C ASP D 227 6.96 25.14 42.70
N THR D 228 5.78 24.76 42.23
CA THR D 228 5.29 23.40 42.38
C THR D 228 6.12 22.57 41.41
N GLU D 229 6.78 21.55 41.93
CA GLU D 229 7.51 20.66 41.06
C GLU D 229 6.66 19.41 40.92
N LEU D 230 6.57 18.91 39.70
CA LEU D 230 5.59 17.88 39.40
C LEU D 230 6.29 16.90 38.48
N VAL D 231 6.62 15.74 39.02
CA VAL D 231 7.30 14.72 38.26
C VAL D 231 6.26 13.90 37.51
N GLU D 232 6.74 13.19 36.49
CA GLU D 232 5.88 12.29 35.73
C GLU D 232 5.43 11.13 36.60
N THR D 233 4.18 10.70 36.42
CA THR D 233 3.72 9.49 37.06
C THR D 233 4.55 8.31 36.54
N ARG D 234 5.06 7.51 37.46
CA ARG D 234 6.02 6.48 37.09
C ARG D 234 5.54 5.10 37.55
N PRO D 235 5.92 4.05 36.85
CA PRO D 235 5.53 2.70 37.27
C PRO D 235 6.44 2.17 38.36
N ALA D 236 5.82 1.52 39.35
CA ALA D 236 6.59 0.86 40.41
C ALA D 236 7.11 -0.50 39.97
N GLY D 237 6.55 -1.07 38.90
CA GLY D 237 6.99 -2.34 38.38
C GLY D 237 6.12 -3.52 38.77
N ASP D 238 5.31 -3.39 39.82
CA ASP D 238 4.42 -4.45 40.27
C ASP D 238 2.96 -4.18 39.93
N GLY D 239 2.71 -3.32 38.95
CA GLY D 239 1.36 -2.99 38.55
C GLY D 239 0.85 -1.67 39.09
N THR D 240 1.52 -1.08 40.07
CA THR D 240 1.09 0.16 40.68
C THR D 240 1.96 1.33 40.19
N PHE D 241 1.70 2.52 40.71
CA PHE D 241 2.34 3.72 40.22
C PHE D 241 2.71 4.63 41.39
N GLN D 242 3.55 5.62 41.10
CA GLN D 242 4.06 6.56 42.08
C GLN D 242 4.10 7.95 41.47
N LYS D 243 4.02 8.96 42.33
CA LYS D 243 4.05 10.36 41.90
C LYS D 243 4.19 11.26 43.12
N TRP D 244 4.91 12.37 42.96
CA TRP D 244 5.01 13.36 44.03
C TRP D 244 5.01 14.77 43.46
N ALA D 245 4.74 15.73 44.36
CA ALA D 245 4.78 17.16 44.07
C ALA D 245 5.39 17.86 45.28
N ALA D 246 6.26 18.84 45.05
CA ALA D 246 7.06 19.38 46.13
C ALA D 246 7.06 20.91 46.20
N VAL D 247 7.40 21.37 47.41
CA VAL D 247 7.57 22.78 47.73
C VAL D 247 8.38 22.75 49.01
N VAL D 248 9.09 23.83 49.32
CA VAL D 248 9.79 23.81 50.60
C VAL D 248 9.50 25.05 51.44
N VAL D 249 9.60 24.87 52.77
CA VAL D 249 9.15 25.71 53.89
C VAL D 249 9.89 27.04 54.02
N PRO D 250 9.47 27.89 54.96
CA PRO D 250 10.41 28.44 55.93
C PRO D 250 10.38 27.51 57.15
N SER D 251 11.55 27.29 57.77
CA SER D 251 11.65 26.12 58.65
C SER D 251 11.20 26.46 60.06
N GLY D 252 10.94 25.42 60.83
CA GLY D 252 10.10 25.51 62.00
C GLY D 252 8.62 25.71 61.73
N GLN D 253 8.21 25.85 60.48
CA GLN D 253 6.80 26.04 60.14
C GLN D 253 6.22 24.70 59.68
N GLU D 254 6.44 23.76 60.60
CA GLU D 254 6.37 22.30 60.54
C GLU D 254 4.99 21.66 60.32
N GLN D 255 3.86 22.39 60.32
CA GLN D 255 2.58 21.78 59.93
C GLN D 255 1.61 22.92 59.63
N ARG D 256 2.11 23.91 58.90
CA ARG D 256 1.31 24.86 58.13
C ARG D 256 0.80 24.26 56.80
N TYR D 257 1.08 22.96 56.55
CA TYR D 257 0.88 22.22 55.29
C TYR D 257 -0.58 21.94 54.94
N THR D 258 -0.93 22.17 53.68
CA THR D 258 -2.05 21.48 53.07
C THR D 258 -1.54 20.78 51.82
N CYS D 259 -2.03 19.56 51.55
CA CYS D 259 -1.81 18.90 50.27
C CYS D 259 -3.03 18.04 49.98
N HIS D 260 -3.49 18.05 48.73
CA HIS D 260 -4.74 17.38 48.37
C HIS D 260 -4.47 16.33 47.30
N VAL D 261 -4.75 15.07 47.64
CA VAL D 261 -4.59 13.93 46.74
C VAL D 261 -5.98 13.47 46.33
N GLN D 262 -6.23 13.44 45.02
CA GLN D 262 -7.50 12.98 44.47
C GLN D 262 -7.27 11.72 43.64
N HIS D 263 -7.91 10.62 44.04
CA HIS D 263 -7.79 9.35 43.34
C HIS D 263 -9.08 8.55 43.53
N GLU D 264 -9.38 7.68 42.56
CA GLU D 264 -10.62 6.90 42.61
C GLU D 264 -10.69 6.05 43.87
N GLY D 265 -9.56 5.54 44.34
CA GLY D 265 -9.57 4.70 45.52
C GLY D 265 -9.75 5.44 46.82
N LEU D 266 -9.85 6.76 46.77
CA LEU D 266 -10.15 7.56 47.95
C LEU D 266 -11.62 7.92 47.91
N PRO D 267 -12.44 7.44 48.84
CA PRO D 267 -13.84 7.91 48.88
C PRO D 267 -13.93 9.40 49.10
N LYS D 268 -13.14 9.92 50.03
CA LYS D 268 -12.98 11.35 50.27
C LYS D 268 -11.55 11.74 49.92
N PRO D 269 -11.34 12.85 49.21
CA PRO D 269 -9.97 13.33 49.02
C PRO D 269 -9.28 13.62 50.34
N LEU D 270 -8.01 13.23 50.43
CA LEU D 270 -7.25 13.26 51.66
C LEU D 270 -6.38 14.52 51.73
N THR D 271 -6.16 14.99 52.96
CA THR D 271 -5.26 16.09 53.24
C THR D 271 -4.06 15.61 54.04
N LEU D 272 -2.91 16.24 53.78
CA LEU D 272 -1.66 15.85 54.41
C LEU D 272 -1.01 17.04 55.13
N MET E 1 12.88 17.51 11.94
CA MET E 1 12.69 16.37 12.83
C MET E 1 12.77 16.79 14.28
N ILE E 2 11.73 16.51 15.05
CA ILE E 2 11.72 16.85 16.47
C ILE E 2 12.53 15.80 17.23
N GLN E 3 13.31 16.26 18.20
CA GLN E 3 14.11 15.38 19.04
C GLN E 3 13.96 15.82 20.48
N ARG E 4 13.73 14.87 21.37
CA ARG E 4 13.43 15.18 22.76
C ARG E 4 14.39 14.42 23.67
N THR E 5 14.88 15.11 24.70
CA THR E 5 15.83 14.45 25.58
C THR E 5 15.08 13.65 26.66
N PRO E 6 15.58 12.48 27.03
CA PRO E 6 14.86 11.66 28.01
C PRO E 6 14.96 12.22 29.42
N LYS E 7 13.82 12.22 30.11
CA LYS E 7 13.80 12.47 31.55
C LYS E 7 14.07 11.15 32.27
N ILE E 8 14.81 11.23 33.38
CA ILE E 8 15.33 10.05 34.06
C ILE E 8 14.95 10.12 35.54
N GLN E 9 14.31 9.07 36.03
CA GLN E 9 14.00 8.92 37.45
C GLN E 9 14.55 7.59 37.94
N VAL E 10 15.26 7.63 39.07
CA VAL E 10 15.84 6.44 39.68
C VAL E 10 15.20 6.27 41.05
N TYR E 11 14.61 5.10 41.29
CA TYR E 11 13.84 4.87 42.50
C TYR E 11 13.64 3.37 42.70
N SER E 12 13.17 3.02 43.88
CA SER E 12 12.89 1.63 44.24
C SER E 12 11.39 1.36 44.17
N ARG E 13 11.04 0.10 43.91
CA ARG E 13 9.64 -0.29 43.86
C ARG E 13 8.94 -0.05 45.19
N HIS E 14 9.56 -0.48 46.28
CA HIS E 14 9.05 -0.31 47.63
C HIS E 14 10.00 0.59 48.42
N PRO E 15 9.55 1.10 49.57
CA PRO E 15 10.46 1.89 50.42
C PRO E 15 11.73 1.13 50.75
N ALA E 16 12.87 1.80 50.62
CA ALA E 16 14.17 1.17 50.83
C ALA E 16 14.34 0.76 52.29
N GLU E 17 14.91 -0.42 52.50
CA GLU E 17 15.22 -0.90 53.84
C GLU E 17 16.46 -1.78 53.75
N ASN E 18 17.50 -1.42 54.49
CA ASN E 18 18.79 -2.10 54.38
C ASN E 18 18.66 -3.57 54.75
N GLY E 19 19.02 -4.45 53.82
CA GLY E 19 18.97 -5.87 54.03
C GLY E 19 17.73 -6.56 53.53
N LYS E 20 16.74 -5.80 53.04
CA LYS E 20 15.51 -6.36 52.51
C LYS E 20 15.50 -6.20 51.00
N SER E 21 15.25 -7.30 50.28
CA SER E 21 15.33 -7.28 48.83
C SER E 21 14.24 -6.38 48.25
N ASN E 22 14.61 -5.62 47.23
CA ASN E 22 13.72 -4.66 46.59
C ASN E 22 13.95 -4.75 45.09
N PHE E 23 13.32 -3.84 44.34
CA PHE E 23 13.54 -3.72 42.92
C PHE E 23 14.03 -2.32 42.62
N LEU E 24 15.12 -2.21 41.90
CA LEU E 24 15.66 -0.92 41.48
C LEU E 24 15.08 -0.55 40.13
N ASN E 25 14.41 0.59 40.05
CA ASN E 25 13.79 1.06 38.83
C ASN E 25 14.55 2.26 38.29
N CYS E 26 14.62 2.36 36.97
CA CYS E 26 14.99 3.60 36.30
C CYS E 26 14.06 3.81 35.13
N TYR E 27 13.27 4.88 35.19
CA TYR E 27 12.20 5.13 34.24
C TYR E 27 12.63 6.29 33.34
N VAL E 28 12.67 6.05 32.03
CA VAL E 28 13.08 7.05 31.05
C VAL E 28 11.88 7.38 30.18
N SER E 29 11.57 8.67 30.06
CA SER E 29 10.34 9.10 29.43
C SER E 29 10.56 10.41 28.71
N GLY E 30 9.65 10.70 27.76
CA GLY E 30 9.64 11.97 27.08
C GLY E 30 10.71 12.17 26.03
N PHE E 31 11.28 11.09 25.51
CA PHE E 31 12.36 11.19 24.54
C PHE E 31 11.90 10.74 23.15
N HIS E 32 12.60 11.25 22.14
CA HIS E 32 12.39 10.91 20.75
C HIS E 32 13.72 11.06 20.03
N PRO E 33 14.12 10.10 19.17
CA PRO E 33 13.38 8.87 18.84
C PRO E 33 13.53 7.75 19.86
N SER E 34 13.00 6.58 19.51
CA SER E 34 12.94 5.45 20.45
C SER E 34 14.33 4.93 20.81
N ASP E 35 15.30 5.07 19.90
CA ASP E 35 16.61 4.47 20.09
C ASP E 35 17.26 4.98 21.36
N ILE E 36 17.56 4.07 22.29
CA ILE E 36 18.10 4.44 23.60
C ILE E 36 18.90 3.27 24.16
N GLU E 37 19.82 3.59 25.07
CA GLU E 37 20.61 2.60 25.80
C GLU E 37 20.58 2.96 27.28
N VAL E 38 20.23 1.99 28.13
CA VAL E 38 20.09 2.22 29.57
C VAL E 38 20.79 1.09 30.32
N ASP E 39 21.64 1.46 31.28
CA ASP E 39 22.33 0.52 32.16
C ASP E 39 22.13 0.93 33.61
N LEU E 40 21.91 -0.05 34.48
CA LEU E 40 21.87 0.16 35.92
C LEU E 40 23.24 -0.17 36.53
N LEU E 41 23.67 0.64 37.49
CA LEU E 41 25.02 0.59 38.03
C LEU E 41 25.01 0.32 39.53
N LYS E 42 25.84 -0.64 39.96
CA LYS E 42 26.12 -0.88 41.37
C LYS E 42 27.54 -0.42 41.64
N ASN E 43 27.68 0.75 42.28
CA ASN E 43 28.97 1.39 42.52
C ASN E 43 29.77 1.53 41.22
N GLY E 44 29.13 2.19 40.24
CA GLY E 44 29.79 2.54 39.01
C GLY E 44 29.94 1.43 37.99
N GLU E 45 29.70 0.18 38.37
CA GLU E 45 29.88 -0.96 37.48
C GLU E 45 28.53 -1.52 37.07
N ARG E 46 28.48 -2.03 35.83
CA ARG E 46 27.22 -2.44 35.23
C ARG E 46 26.65 -3.65 35.95
N ILE E 47 25.42 -3.51 36.45
CA ILE E 47 24.70 -4.63 37.03
C ILE E 47 24.22 -5.55 35.93
N GLU E 48 24.23 -6.83 36.23
CA GLU E 48 23.75 -7.76 35.24
C GLU E 48 22.32 -8.25 35.55
N LYS E 49 21.69 -8.82 34.53
CA LYS E 49 20.34 -9.38 34.65
C LYS E 49 19.31 -8.26 34.83
N VAL E 50 19.43 -7.22 34.02
CA VAL E 50 18.52 -6.09 34.06
C VAL E 50 17.54 -6.20 32.90
N GLU E 51 16.25 -6.13 33.21
CA GLU E 51 15.19 -6.24 32.22
C GLU E 51 14.58 -4.87 31.94
N HIS E 52 13.76 -4.79 30.90
CA HIS E 52 13.14 -3.52 30.55
C HIS E 52 11.74 -3.71 29.99
N SER E 53 10.92 -2.68 30.19
CA SER E 53 9.60 -2.54 29.57
C SER E 53 9.59 -2.77 28.06
N ASP E 54 8.42 -3.12 27.53
CA ASP E 54 8.18 -3.05 26.10
C ASP E 54 7.98 -1.61 25.65
N LEU E 55 8.47 -1.28 24.46
CA LEU E 55 8.41 0.09 23.98
C LEU E 55 6.97 0.56 23.79
N SER E 56 6.68 1.76 24.32
CA SER E 56 5.41 2.43 24.12
C SER E 56 5.67 3.93 24.21
N PHE E 57 4.60 4.72 24.02
CA PHE E 57 4.75 6.16 24.00
C PHE E 57 3.52 6.82 24.60
N SER E 58 3.68 8.07 25.01
CA SER E 58 2.64 8.81 25.70
C SER E 58 1.77 9.57 24.70
N LYS E 59 0.87 10.41 25.21
CA LYS E 59 -0.08 11.11 24.36
C LYS E 59 0.62 12.09 23.42
N ASP E 60 1.74 12.68 23.84
CA ASP E 60 2.50 13.61 23.02
C ASP E 60 3.47 12.92 22.07
N TRP E 61 3.37 11.60 21.93
CA TRP E 61 4.12 10.73 21.01
C TRP E 61 5.54 10.43 21.50
N SER E 62 5.94 10.90 22.68
CA SER E 62 7.28 10.64 23.17
C SER E 62 7.32 9.32 23.94
N PHE E 63 8.42 8.60 23.79
CA PHE E 63 8.49 7.23 24.27
C PHE E 63 8.81 7.17 25.76
N TYR E 64 8.49 6.04 26.37
CA TYR E 64 8.92 5.75 27.72
C TYR E 64 9.32 4.29 27.84
N LEU E 65 10.26 4.02 28.74
CA LEU E 65 10.72 2.68 29.03
C LEU E 65 11.04 2.59 30.51
N LEU E 66 10.81 1.40 31.08
CA LEU E 66 11.18 1.11 32.46
C LEU E 66 12.27 0.05 32.46
N TYR E 67 13.40 0.36 33.10
CA TYR E 67 14.46 -0.60 33.31
C TYR E 67 14.52 -0.94 34.79
N TYR E 68 14.65 -2.23 35.10
CA TYR E 68 14.51 -2.67 36.48
C TYR E 68 15.30 -3.95 36.70
N THR E 69 15.62 -4.19 37.97
CA THR E 69 16.35 -5.38 38.39
C THR E 69 16.15 -5.55 39.89
N GLU E 70 16.30 -6.79 40.35
CA GLU E 70 16.15 -7.07 41.78
C GLU E 70 17.46 -6.81 42.49
N PHE E 71 17.39 -6.13 43.64
CA PHE E 71 18.58 -5.77 44.39
C PHE E 71 18.22 -5.70 45.87
N THR E 72 19.26 -5.61 46.70
CA THR E 72 19.11 -5.46 48.15
C THR E 72 19.90 -4.25 48.59
N PRO E 73 19.25 -3.15 48.98
CA PRO E 73 19.98 -1.92 49.28
C PRO E 73 20.75 -2.00 50.58
N THR E 74 21.88 -1.32 50.61
CA THR E 74 22.69 -1.13 51.81
C THR E 74 22.87 0.37 52.07
N GLU E 75 23.64 0.68 53.10
CA GLU E 75 23.93 2.07 53.43
C GLU E 75 25.17 2.59 52.72
N LYS E 76 26.10 1.70 52.36
CA LYS E 76 27.35 2.09 51.73
C LYS E 76 27.26 2.08 50.22
N ASP E 77 26.39 1.26 49.64
CA ASP E 77 26.38 1.11 48.19
C ASP E 77 25.75 2.33 47.52
N GLU E 78 26.31 2.69 46.37
CA GLU E 78 25.75 3.73 45.52
C GLU E 78 25.16 3.07 44.29
N TYR E 79 23.95 3.48 43.92
CA TYR E 79 23.28 2.94 42.76
C TYR E 79 22.97 4.09 41.80
N ALA E 80 23.06 3.81 40.50
CA ALA E 80 22.90 4.86 39.51
C ALA E 80 22.33 4.29 38.23
N CYS E 81 21.79 5.18 37.41
CA CYS E 81 21.27 4.86 36.10
C CYS E 81 22.08 5.61 35.04
N ARG E 82 22.59 4.88 34.05
CA ARG E 82 23.34 5.49 32.96
C ARG E 82 22.51 5.43 31.69
N VAL E 83 22.24 6.60 31.11
CA VAL E 83 21.38 6.74 29.94
C VAL E 83 22.19 7.37 28.82
N ASN E 84 22.09 6.78 27.63
CA ASN E 84 22.71 7.32 26.43
C ASN E 84 21.65 7.42 25.34
N HIS E 85 21.61 8.56 24.67
CA HIS E 85 20.58 8.85 23.68
C HIS E 85 21.15 9.82 22.65
N VAL E 86 20.49 9.89 21.49
CA VAL E 86 21.01 10.71 20.39
C VAL E 86 21.02 12.18 20.77
N THR E 87 20.15 12.60 21.68
CA THR E 87 20.13 14.00 22.11
C THR E 87 21.23 14.32 23.11
N LEU E 88 21.95 13.32 23.60
CA LEU E 88 23.04 13.51 24.55
C LEU E 88 24.36 13.26 23.84
N SER E 89 25.27 14.23 23.95
CA SER E 89 26.62 14.07 23.41
C SER E 89 27.44 13.07 24.20
N GLN E 90 26.95 12.63 25.37
CA GLN E 90 27.73 11.89 26.34
C GLN E 90 26.76 11.18 27.24
N PRO E 91 27.04 9.95 27.70
CA PRO E 91 26.13 9.27 28.61
C PRO E 91 25.88 10.08 29.87
N LYS E 92 24.61 10.14 30.26
CA LYS E 92 24.19 10.85 31.46
C LYS E 92 23.91 9.85 32.56
N ILE E 93 24.43 10.13 33.76
CA ILE E 93 24.28 9.24 34.91
C ILE E 93 23.54 10.00 36.00
N VAL E 94 22.44 9.40 36.48
CA VAL E 94 21.63 9.97 37.55
C VAL E 94 21.73 9.02 38.74
N LYS E 95 22.21 9.54 39.86
CA LYS E 95 22.41 8.72 41.05
C LYS E 95 21.08 8.45 41.73
N TRP E 96 21.01 7.33 42.45
CA TRP E 96 19.82 6.98 43.20
C TRP E 96 19.82 7.76 44.51
N ASP E 97 18.77 8.52 44.74
CA ASP E 97 18.56 9.22 46.00
C ASP E 97 17.50 8.47 46.80
N ARG E 98 17.82 8.17 48.06
CA ARG E 98 16.91 7.37 48.87
C ARG E 98 15.56 8.05 49.04
N ASP E 99 15.53 9.38 49.04
CA ASP E 99 14.30 10.13 49.26
C ASP E 99 13.49 10.33 47.99
N MET E 100 14.05 10.09 46.81
CA MET E 100 13.39 10.48 45.58
C MET E 100 13.21 9.32 44.60
N ARG F 1 -8.34 -7.08 20.87
CA ARG F 1 -8.34 -7.60 19.51
C ARG F 1 -7.97 -6.51 18.51
N LEU F 2 -7.02 -6.83 17.63
CA LEU F 2 -6.55 -5.87 16.64
C LEU F 2 -7.62 -5.65 15.57
N GLN F 3 -7.52 -4.51 14.89
CA GLN F 3 -8.34 -4.27 13.71
C GLN F 3 -7.67 -4.88 12.50
N SER F 4 -8.48 -5.52 11.64
CA SER F 4 -7.93 -6.26 10.51
C SER F 4 -7.58 -5.37 9.33
N LEU F 5 -8.26 -4.24 9.18
CA LEU F 5 -8.09 -3.40 8.00
C LEU F 5 -6.65 -2.90 7.88
N GLN F 6 -6.09 -3.04 6.68
CA GLN F 6 -4.78 -2.50 6.36
C GLN F 6 -4.95 -1.17 5.63
N THR F 7 -4.27 -0.13 6.11
CA THR F 7 -4.37 1.21 5.57
C THR F 7 -2.99 1.70 5.16
N TYR F 8 -2.92 2.45 4.07
CA TYR F 8 -1.64 2.95 3.55
C TYR F 8 -1.65 4.46 3.54
N VAL F 9 -0.58 5.06 4.08
CA VAL F 9 -0.43 6.50 4.14
C VAL F 9 -0.33 7.11 2.73
#